data_1ULV
#
_entry.id   1ULV
#
_cell.length_a   198.795
_cell.length_b   88.247
_cell.length_c   80.994
_cell.angle_alpha   90.00
_cell.angle_beta   112.55
_cell.angle_gamma   90.00
#
_symmetry.space_group_name_H-M   'C 1 2 1'
#
loop_
_entity.id
_entity.type
_entity.pdbx_description
1 polymer glucodextranase
2 branched 4,6-dideoxy-4-{[(1S,4R,5S,6S)-4,5,6-trihydroxy-3-(hydroxymethyl)cyclohex-2-en-1-yl]amino}-alpha-D-glucopyranose-(1-4)-alpha-D-glucopyranose
3 non-polymer 'CALCIUM ION'
4 water water
#
_entity_poly.entity_id   1
_entity_poly.type   'polypeptide(L)'
_entity_poly.pdbx_seq_one_letter_code
;ETAEPPGSPGAAATWTKGDKEGVGTSLNPASKVWYTLTEGTMSEVYYPHADTPNTRELQFAVSDGTSAQRESEQTTRTVE
LADPKALSYRQTTTDNAGRWRLTKTYVTDPRRSTVMLGVTFEVLDGGDYQLFVLSDPSLAGTSGGDTGSVTDGALLASDL
ADAATPVATALVSSVGFGAVANGYVGTSDGWTDLAADGRLDNASATAGPGNISQTGQIPLAAGGKTEFSLALGFGADTAE
ALATAKASLGTGYKKVSKSYTGEWKKYLNSLDAPATSLTGALRTQYDVSLMTVKSHEDKTFPGAFIASLTIPWGQAASAE
THREGYHAVWARDMYQSVTALLAAGDEEAAARGVEWLFTYQQQPDGHFPQTSRVDGTIGQNGIQLDETAFPILLANQIGR
TDAGFYRNELKPAADYLVAAGPKTPQERWEETGGYSTSTLASQIAALAAAADIAGKNGDAGSAAVYRATADEWQRSTEKW
MFTTNGPVGDGKYYLRISATGNPNDGATRDWGNGAGVHPENAVLDGGFLEFVRLGVKAPADPYVADSLAETDASISQETP
GGRMWHRYTYDGYGEKADGSPWDGTGIGRLWPLLSGERGEYALANGQDALPYLETMHSAANAGYMIPEQVWDRDEPTSYG
HELGRSTGSASPLSWAMAQYVRLAAGVKAGAPVETPQNVAARYAAGTPLSSPELSVTAPEALSTADSATAVVRGTTNAAK
VYVSVNGTATEAPVTDGTFSLDVALTGAKNKVTVAAVAADGGTAVEDRTVLYYGSRIGALSDPAGDDNGPGTYRYPTNSA
YVPGAFDLTGVDVYDAGDDYAFVATIAGEVTNPWGGQAISHQRVNIYLGKGEGGATPGLPGTNINLEHAWDSVIVTDGRF
DGAGVYAPDGTRTSAVSLLAVPEARQIVTRVPKAALGGLDPATARMSVAMFGNAESGEGIGNVRPVYDGAYWEAGDPAWI
KEWRFGGGAGVFDGTIPSRDTDTDDPNALDVLVGEGQTQAAVLDWRAGSPVVVPMLGLQP
;
_entity_poly.pdbx_strand_id   A
#
loop_
_chem_comp.id
_chem_comp.type
_chem_comp.name
_chem_comp.formula
AC1 D-saccharide 4,6-dideoxy-4-{[(1S,4R,5S,6S)-4,5,6-trihydroxy-3-(hydroxymethyl)cyclohex-2-en-1-yl]amino}-alpha-D-glucopyranose 'C13 H23 N O8'
CA non-polymer 'CALCIUM ION' 'Ca 2'
GLC D-saccharide, alpha linking alpha-D-glucopyranose 'C6 H12 O6'
#
# COMPACT_ATOMS: atom_id res chain seq x y z
N THR A 2 25.06 -17.41 37.61
CA THR A 2 23.71 -18.04 37.65
C THR A 2 23.65 -19.29 36.75
N ALA A 3 23.11 -20.37 37.30
CA ALA A 3 23.00 -21.64 36.58
C ALA A 3 21.73 -21.69 35.71
N GLU A 4 21.92 -21.67 34.40
CA GLU A 4 20.82 -21.71 33.46
C GLU A 4 20.49 -23.14 33.05
N PRO A 5 19.19 -23.48 32.94
CA PRO A 5 18.85 -24.85 32.54
C PRO A 5 19.33 -25.04 31.10
N PRO A 6 19.58 -26.30 30.69
CA PRO A 6 20.05 -26.58 29.33
C PRO A 6 19.09 -26.23 28.20
N GLY A 7 19.66 -25.90 27.05
CA GLY A 7 18.85 -25.55 25.90
C GLY A 7 19.08 -24.17 25.31
N SER A 8 19.73 -23.30 26.08
CA SER A 8 20.00 -21.94 25.60
C SER A 8 20.53 -21.95 24.17
N PRO A 9 20.05 -21.01 23.34
CA PRO A 9 19.07 -19.96 23.64
C PRO A 9 17.61 -20.33 23.38
N GLY A 10 17.35 -21.61 23.15
CA GLY A 10 15.98 -22.01 22.86
C GLY A 10 15.84 -22.26 21.38
N ALA A 11 14.87 -23.09 21.00
CA ALA A 11 14.67 -23.43 19.60
C ALA A 11 14.05 -22.29 18.79
N ALA A 12 14.21 -22.36 17.47
CA ALA A 12 13.62 -21.35 16.60
C ALA A 12 12.13 -21.60 16.72
N ALA A 13 11.35 -20.54 16.82
CA ALA A 13 9.91 -20.70 16.95
C ALA A 13 9.14 -19.97 15.87
N THR A 14 7.86 -20.29 15.78
CA THR A 14 6.98 -19.68 14.78
C THR A 14 5.78 -19.14 15.55
N TRP A 15 4.82 -18.56 14.84
CA TRP A 15 3.61 -18.08 15.50
C TRP A 15 2.56 -19.19 15.39
N THR A 16 1.28 -18.82 15.43
CA THR A 16 0.21 -19.81 15.38
C THR A 16 -0.66 -19.65 14.13
N LYS A 17 -1.42 -20.68 13.76
CA LYS A 17 -2.28 -20.59 12.59
C LYS A 17 -3.27 -19.43 12.77
N GLY A 18 -3.62 -18.78 11.66
CA GLY A 18 -4.53 -17.66 11.72
C GLY A 18 -5.96 -18.00 12.11
N ASP A 19 -6.32 -19.26 11.96
CA ASP A 19 -7.66 -19.77 12.26
C ASP A 19 -7.96 -19.83 13.76
N LYS A 20 -8.55 -18.76 14.30
CA LYS A 20 -8.86 -18.70 15.73
C LYS A 20 -10.25 -19.20 16.08
N GLU A 21 -10.35 -19.93 17.19
CA GLU A 21 -11.62 -20.46 17.65
C GLU A 21 -12.46 -19.37 18.29
N GLY A 22 -11.78 -18.35 18.79
CA GLY A 22 -12.44 -17.24 19.44
C GLY A 22 -11.42 -16.21 19.88
N VAL A 23 -11.89 -14.98 20.10
CA VAL A 23 -11.00 -13.90 20.56
C VAL A 23 -11.78 -13.15 21.62
N GLY A 24 -11.12 -12.27 22.36
CA GLY A 24 -11.84 -11.52 23.37
C GLY A 24 -11.06 -10.39 24.03
N THR A 25 -11.80 -9.37 24.46
CA THR A 25 -11.25 -8.21 25.16
C THR A 25 -12.41 -7.52 25.86
N SER A 26 -12.11 -6.81 26.95
CA SER A 26 -13.16 -6.10 27.67
C SER A 26 -13.55 -4.87 26.86
N LEU A 27 -14.74 -4.36 27.11
CA LEU A 27 -15.23 -3.17 26.44
C LEU A 27 -14.45 -2.01 27.06
N ASN A 28 -14.12 -2.16 28.33
CA ASN A 28 -13.38 -1.14 29.07
C ASN A 28 -11.98 -0.93 28.50
N PRO A 29 -11.62 0.33 28.20
CA PRO A 29 -10.29 0.64 27.66
C PRO A 29 -9.15 0.54 28.68
N ALA A 30 -9.49 0.30 29.93
CA ALA A 30 -8.49 0.19 30.99
C ALA A 30 -7.72 -1.13 30.89
N SER A 31 -8.38 -2.17 30.39
CA SER A 31 -7.75 -3.48 30.23
C SER A 31 -7.12 -3.52 28.84
N LYS A 32 -5.79 -3.37 28.79
CA LYS A 32 -5.05 -3.35 27.53
C LYS A 32 -4.64 -4.75 27.04
N VAL A 33 -5.55 -5.70 27.16
CA VAL A 33 -5.27 -7.06 26.73
C VAL A 33 -6.35 -7.65 25.81
N TRP A 34 -5.90 -8.41 24.81
CA TRP A 34 -6.78 -9.08 23.84
C TRP A 34 -6.30 -10.53 23.76
N TYR A 35 -7.18 -11.49 24.01
CA TYR A 35 -6.78 -12.90 23.95
C TYR A 35 -7.34 -13.63 22.73
N THR A 36 -6.61 -14.64 22.26
CA THR A 36 -7.05 -15.44 21.13
C THR A 36 -6.92 -16.91 21.50
N LEU A 37 -7.77 -17.74 20.92
CA LEU A 37 -7.79 -19.17 21.17
C LEU A 37 -7.47 -19.97 19.92
N THR A 38 -6.63 -20.99 20.05
CA THR A 38 -6.28 -21.81 18.91
C THR A 38 -6.19 -23.29 19.25
N GLU A 39 -7.03 -24.08 18.60
CA GLU A 39 -7.06 -25.53 18.77
C GLU A 39 -7.03 -26.08 20.18
N GLY A 40 -7.84 -25.52 21.07
CA GLY A 40 -7.88 -26.03 22.43
C GLY A 40 -6.94 -25.36 23.41
N THR A 41 -6.16 -24.40 22.92
CA THR A 41 -5.22 -23.69 23.77
C THR A 41 -5.45 -22.20 23.63
N MET A 42 -4.72 -21.41 24.41
CA MET A 42 -4.81 -19.97 24.29
C MET A 42 -3.61 -19.64 23.43
N SER A 43 -3.84 -18.96 22.33
CA SER A 43 -2.76 -18.59 21.44
C SER A 43 -2.25 -17.21 21.82
N GLU A 44 -2.09 -16.33 20.83
CA GLU A 44 -1.58 -14.98 21.07
C GLU A 44 -2.48 -14.05 21.89
N VAL A 45 -1.86 -13.33 22.81
CA VAL A 45 -2.55 -12.34 23.64
C VAL A 45 -1.87 -11.02 23.31
N TYR A 46 -2.66 -10.02 22.97
CA TYR A 46 -2.09 -8.73 22.61
C TYR A 46 -2.02 -7.74 23.76
N TYR A 47 -0.97 -6.92 23.78
CA TYR A 47 -0.71 -5.92 24.81
C TYR A 47 0.63 -5.21 24.53
N PRO A 48 0.71 -3.90 24.82
CA PRO A 48 -0.32 -3.03 25.37
C PRO A 48 -1.24 -2.48 24.29
N HIS A 49 -0.83 -2.63 23.03
CA HIS A 49 -1.64 -2.18 21.90
C HIS A 49 -2.11 -3.40 21.13
N ALA A 50 -3.23 -3.26 20.42
CA ALA A 50 -3.78 -4.36 19.64
C ALA A 50 -2.85 -4.86 18.52
N ASP A 51 -1.74 -4.16 18.28
CA ASP A 51 -0.82 -4.56 17.24
C ASP A 51 0.43 -5.27 17.74
N THR A 52 0.41 -5.75 18.98
CA THR A 52 1.57 -6.43 19.53
C THR A 52 1.23 -7.74 20.26
N PRO A 53 1.55 -8.89 19.64
CA PRO A 53 1.29 -10.21 20.22
C PRO A 53 2.39 -10.55 21.22
N ASN A 54 2.07 -11.31 22.27
CA ASN A 54 3.05 -11.65 23.31
C ASN A 54 3.05 -13.13 23.69
N THR A 55 2.17 -13.92 23.09
CA THR A 55 2.03 -15.32 23.45
C THR A 55 2.00 -16.27 22.26
N ARG A 56 2.41 -17.52 22.49
CA ARG A 56 2.36 -18.52 21.43
C ARG A 56 1.37 -19.60 21.83
N GLU A 57 1.45 -20.04 23.07
CA GLU A 57 0.57 -21.10 23.53
C GLU A 57 0.53 -21.30 25.03
N LEU A 58 -0.68 -21.43 25.56
CA LEU A 58 -0.86 -21.72 26.98
C LEU A 58 -1.91 -22.82 27.05
N GLN A 59 -1.50 -23.99 27.52
CA GLN A 59 -2.40 -25.12 27.65
C GLN A 59 -1.96 -25.96 28.84
N PHE A 60 -2.71 -27.02 29.11
CA PHE A 60 -2.43 -27.88 30.22
C PHE A 60 -1.89 -29.25 29.83
N ALA A 61 -1.18 -29.86 30.77
CA ALA A 61 -0.62 -31.19 30.57
C ALA A 61 -1.01 -31.94 31.81
N VAL A 62 -1.35 -33.21 31.66
CA VAL A 62 -1.73 -33.99 32.82
C VAL A 62 -0.96 -35.29 32.82
N SER A 63 -0.46 -35.65 34.00
CA SER A 63 0.32 -36.86 34.17
C SER A 63 -0.25 -37.73 35.27
N ASP A 64 0.12 -39.01 35.23
CA ASP A 64 -0.30 -39.98 36.23
C ASP A 64 0.93 -40.24 37.09
N GLY A 65 2.07 -39.78 36.57
CA GLY A 65 3.35 -39.94 37.25
C GLY A 65 4.32 -40.69 36.36
N THR A 66 3.78 -41.39 35.38
CA THR A 66 4.56 -42.19 34.44
C THR A 66 4.52 -41.59 33.04
N SER A 67 3.34 -41.11 32.66
CA SER A 67 3.14 -40.52 31.35
C SER A 67 2.33 -39.26 31.48
N ALA A 68 2.54 -38.33 30.55
CA ALA A 68 1.82 -37.06 30.55
C ALA A 68 1.23 -36.82 29.18
N GLN A 69 0.20 -35.98 29.14
CA GLN A 69 -0.46 -35.65 27.88
C GLN A 69 -0.78 -34.17 27.77
N ARG A 70 -0.72 -33.66 26.55
CA ARG A 70 -1.06 -32.27 26.28
C ARG A 70 -2.51 -32.31 25.86
N GLU A 71 -3.31 -31.34 26.30
CA GLU A 71 -4.71 -31.36 25.92
C GLU A 71 -4.86 -31.14 24.41
N SER A 72 -3.81 -30.63 23.78
CA SER A 72 -3.86 -30.41 22.34
C SER A 72 -3.64 -31.71 21.59
N GLU A 73 -3.42 -32.79 22.35
CA GLU A 73 -3.22 -34.12 21.78
C GLU A 73 -4.51 -34.93 21.88
N GLN A 74 -5.47 -34.41 22.62
CA GLN A 74 -6.76 -35.08 22.79
C GLN A 74 -7.65 -34.77 21.61
N THR A 75 -7.95 -35.80 20.83
CA THR A 75 -8.80 -35.65 19.65
C THR A 75 -10.21 -35.21 20.03
N THR A 76 -10.53 -35.29 21.31
CA THR A 76 -11.85 -34.94 21.77
C THR A 76 -11.93 -33.68 22.63
N ARG A 77 -12.12 -32.52 21.98
CA ARG A 77 -12.24 -31.26 22.67
C ARG A 77 -13.19 -30.32 21.94
N THR A 78 -13.94 -29.53 22.70
CA THR A 78 -14.91 -28.63 22.13
C THR A 78 -14.69 -27.17 22.50
N VAL A 79 -15.30 -26.29 21.71
CA VAL A 79 -15.23 -24.86 21.92
C VAL A 79 -16.66 -24.36 21.76
N GLU A 80 -17.02 -23.36 22.56
CA GLU A 80 -18.36 -22.78 22.47
C GLU A 80 -18.35 -21.45 23.20
N LEU A 81 -19.18 -20.50 22.78
CA LEU A 81 -19.20 -19.22 23.46
C LEU A 81 -19.97 -19.44 24.75
N ALA A 82 -19.32 -19.06 25.86
CA ALA A 82 -19.86 -19.21 27.21
C ALA A 82 -21.04 -18.32 27.52
N ASP A 83 -21.22 -17.27 26.73
CA ASP A 83 -22.31 -16.32 26.95
C ASP A 83 -22.71 -15.80 25.58
N PRO A 84 -24.00 -15.82 25.26
CA PRO A 84 -24.46 -15.34 23.96
C PRO A 84 -24.33 -13.82 23.79
N LYS A 85 -24.01 -13.11 24.85
CA LYS A 85 -23.90 -11.66 24.78
C LYS A 85 -22.53 -11.09 25.19
N ALA A 86 -21.51 -11.95 25.25
CA ALA A 86 -20.16 -11.52 25.61
C ALA A 86 -19.12 -12.39 24.92
N LEU A 87 -17.93 -11.85 24.72
CA LEU A 87 -16.84 -12.59 24.08
C LEU A 87 -16.09 -13.44 25.11
N SER A 88 -16.80 -14.39 25.71
CA SER A 88 -16.22 -15.30 26.68
C SER A 88 -16.39 -16.71 26.14
N TYR A 89 -15.28 -17.42 25.96
CA TYR A 89 -15.33 -18.77 25.42
C TYR A 89 -14.94 -19.85 26.40
N ARG A 90 -15.52 -21.04 26.18
CA ARG A 90 -15.25 -22.19 27.01
C ARG A 90 -14.70 -23.33 26.17
N GLN A 91 -13.51 -23.79 26.55
CA GLN A 91 -12.89 -24.91 25.85
C GLN A 91 -12.97 -26.10 26.78
N THR A 92 -13.25 -27.27 26.21
CA THR A 92 -13.35 -28.49 27.01
C THR A 92 -12.46 -29.56 26.41
N THR A 93 -11.60 -30.15 27.24
CA THR A 93 -10.71 -31.20 26.77
C THR A 93 -11.05 -32.48 27.52
N THR A 94 -11.19 -33.58 26.80
CA THR A 94 -11.49 -34.85 27.44
C THR A 94 -10.45 -35.88 27.05
N ASP A 95 -9.90 -36.55 28.06
CA ASP A 95 -8.90 -37.57 27.85
C ASP A 95 -9.45 -38.55 26.81
N ASN A 96 -8.62 -38.94 25.85
CA ASN A 96 -9.07 -39.88 24.83
C ASN A 96 -9.61 -41.16 25.45
N ALA A 97 -9.15 -41.47 26.66
CA ALA A 97 -9.62 -42.68 27.35
C ALA A 97 -10.73 -42.34 28.35
N GLY A 98 -11.11 -41.07 28.40
CA GLY A 98 -12.17 -40.63 29.30
C GLY A 98 -11.86 -40.71 30.80
N ARG A 99 -10.59 -40.60 31.16
CA ARG A 99 -10.19 -40.67 32.57
C ARG A 99 -10.19 -39.31 33.28
N TRP A 100 -10.16 -38.23 32.51
CA TRP A 100 -10.15 -36.88 33.09
C TRP A 100 -10.80 -35.92 32.11
N ARG A 101 -11.25 -34.78 32.62
CA ARG A 101 -11.87 -33.76 31.78
C ARG A 101 -11.48 -32.37 32.28
N LEU A 102 -11.02 -31.52 31.36
CA LEU A 102 -10.62 -30.16 31.68
C LEU A 102 -11.58 -29.16 31.04
N THR A 103 -12.02 -28.17 31.82
CA THR A 103 -12.93 -27.16 31.32
C THR A 103 -12.36 -25.76 31.58
N LYS A 104 -12.12 -25.03 30.49
CA LYS A 104 -11.54 -23.70 30.58
C LYS A 104 -12.44 -22.62 29.99
N THR A 105 -12.72 -21.59 30.77
CA THR A 105 -13.55 -20.48 30.33
C THR A 105 -12.72 -19.19 30.40
N TYR A 106 -12.60 -18.49 29.28
CA TYR A 106 -11.82 -17.26 29.22
C TYR A 106 -12.61 -15.97 29.40
N VAL A 107 -11.92 -14.97 29.93
CA VAL A 107 -12.48 -13.66 30.19
C VAL A 107 -11.29 -12.76 30.48
N THR A 108 -11.51 -11.46 30.56
CA THR A 108 -10.43 -10.53 30.91
C THR A 108 -10.96 -9.57 31.96
N ASP A 109 -10.07 -9.05 32.78
CA ASP A 109 -10.44 -8.11 33.83
C ASP A 109 -10.61 -6.75 33.15
N PRO A 110 -11.84 -6.26 33.04
CA PRO A 110 -12.09 -4.97 32.39
C PRO A 110 -11.37 -3.77 33.02
N ARG A 111 -10.94 -3.92 34.26
CA ARG A 111 -10.27 -2.82 34.95
C ARG A 111 -8.75 -2.81 34.84
N ARG A 112 -8.15 -3.93 34.46
CA ARG A 112 -6.71 -4.02 34.34
C ARG A 112 -6.28 -5.05 33.31
N SER A 113 -5.06 -4.91 32.80
CA SER A 113 -4.52 -5.82 31.79
C SER A 113 -4.25 -7.24 32.28
N THR A 114 -5.32 -8.00 32.48
CA THR A 114 -5.23 -9.37 32.95
C THR A 114 -6.18 -10.27 32.19
N VAL A 115 -5.67 -11.42 31.74
CA VAL A 115 -6.51 -12.40 31.07
C VAL A 115 -6.78 -13.44 32.14
N MET A 116 -8.04 -13.82 32.32
CA MET A 116 -8.38 -14.80 33.34
C MET A 116 -8.98 -16.06 32.76
N LEU A 117 -8.65 -17.18 33.40
CA LEU A 117 -9.10 -18.48 32.98
C LEU A 117 -9.78 -19.20 34.15
N GLY A 118 -11.07 -19.48 34.00
CA GLY A 118 -11.81 -20.19 35.05
C GLY A 118 -11.66 -21.66 34.70
N VAL A 119 -10.98 -22.42 35.55
CA VAL A 119 -10.73 -23.83 35.26
C VAL A 119 -11.30 -24.86 36.22
N THR A 120 -11.77 -25.96 35.65
CA THR A 120 -12.31 -27.08 36.43
C THR A 120 -11.66 -28.35 35.91
N PHE A 121 -10.96 -29.05 36.79
CA PHE A 121 -10.32 -30.29 36.41
C PHE A 121 -11.05 -31.41 37.15
N GLU A 122 -11.52 -32.39 36.39
CA GLU A 122 -12.25 -33.52 36.97
C GLU A 122 -11.60 -34.84 36.63
N VAL A 123 -11.30 -35.63 37.65
CA VAL A 123 -10.73 -36.95 37.44
C VAL A 123 -11.92 -37.90 37.41
N LEU A 124 -12.01 -38.71 36.36
CA LEU A 124 -13.13 -39.65 36.22
C LEU A 124 -12.63 -41.07 36.46
N ASP A 125 -11.41 -41.17 36.98
CA ASP A 125 -10.77 -42.44 37.29
C ASP A 125 -10.71 -42.64 38.80
N GLY A 126 -9.82 -43.54 39.22
CA GLY A 126 -9.65 -43.77 40.64
C GLY A 126 -8.87 -42.59 41.18
N GLY A 127 -8.44 -41.73 40.26
CA GLY A 127 -7.70 -40.53 40.64
C GLY A 127 -6.20 -40.69 40.54
N ASP A 128 -5.50 -39.78 41.22
CA ASP A 128 -4.04 -39.78 41.25
C ASP A 128 -3.45 -39.28 39.93
N TYR A 129 -3.57 -37.98 39.72
CA TYR A 129 -3.07 -37.33 38.52
C TYR A 129 -2.45 -35.99 38.90
N GLN A 130 -1.53 -35.50 38.07
CA GLN A 130 -0.89 -34.22 38.31
C GLN A 130 -1.32 -33.29 37.17
N LEU A 131 -1.54 -32.01 37.50
CA LEU A 131 -1.96 -31.04 36.50
C LEU A 131 -0.94 -29.91 36.35
N PHE A 132 -0.54 -29.64 35.12
CA PHE A 132 0.45 -28.59 34.88
C PHE A 132 0.02 -27.56 33.84
N VAL A 133 0.33 -26.30 34.12
CA VAL A 133 0.03 -25.23 33.17
C VAL A 133 1.29 -25.07 32.34
N LEU A 134 1.13 -24.94 31.04
CA LEU A 134 2.26 -24.75 30.15
C LEU A 134 2.04 -23.42 29.45
N SER A 135 2.87 -22.45 29.78
CA SER A 135 2.76 -21.12 29.18
C SER A 135 4.04 -20.77 28.44
N ASP A 136 3.95 -20.72 27.13
CA ASP A 136 5.10 -20.41 26.29
C ASP A 136 4.88 -19.03 25.68
N PRO A 137 5.56 -18.01 26.24
CA PRO A 137 5.40 -16.64 25.72
C PRO A 137 6.29 -16.32 24.53
N SER A 138 6.05 -15.13 23.98
CA SER A 138 6.80 -14.59 22.85
C SER A 138 6.59 -13.11 23.05
N LEU A 139 7.02 -12.65 24.22
CA LEU A 139 6.89 -11.27 24.65
C LEU A 139 7.41 -10.22 23.68
N ALA A 140 6.61 -9.16 23.53
CA ALA A 140 6.95 -8.05 22.66
C ALA A 140 7.05 -8.43 21.19
N GLY A 141 6.26 -9.42 20.78
CA GLY A 141 6.27 -9.83 19.39
C GLY A 141 7.46 -10.64 18.91
N THR A 142 8.20 -11.23 19.83
CA THR A 142 9.36 -12.05 19.48
C THR A 142 9.45 -13.28 20.38
N SER A 143 9.75 -14.43 19.80
CA SER A 143 9.86 -15.66 20.58
C SER A 143 11.15 -15.67 21.41
N GLY A 144 12.16 -14.95 20.93
CA GLY A 144 13.41 -14.86 21.65
C GLY A 144 13.42 -13.62 22.53
N GLY A 145 14.46 -13.46 23.34
CA GLY A 145 14.56 -12.29 24.20
C GLY A 145 13.75 -12.30 25.47
N ASP A 146 13.19 -13.46 25.82
CA ASP A 146 12.39 -13.58 27.02
C ASP A 146 13.17 -14.16 28.18
N THR A 147 12.82 -13.73 29.39
CA THR A 147 13.45 -14.23 30.60
C THR A 147 12.38 -14.69 31.58
N GLY A 148 12.42 -15.98 31.92
CA GLY A 148 11.45 -16.51 32.85
C GLY A 148 12.00 -16.63 34.26
N SER A 149 11.21 -16.23 35.25
CA SER A 149 11.64 -16.28 36.64
C SER A 149 10.46 -16.60 37.56
N VAL A 150 10.76 -16.78 38.84
CA VAL A 150 9.75 -17.09 39.85
C VAL A 150 9.85 -16.08 41.01
N THR A 151 8.71 -15.72 41.57
CA THR A 151 8.65 -14.77 42.67
C THR A 151 7.30 -14.80 43.38
N ASP A 152 7.35 -14.89 44.71
CA ASP A 152 6.14 -14.90 45.54
C ASP A 152 5.09 -15.88 45.03
N GLY A 153 5.53 -17.05 44.59
CA GLY A 153 4.60 -18.06 44.10
C GLY A 153 3.99 -17.79 42.74
N ALA A 154 4.61 -16.93 41.94
CA ALA A 154 4.10 -16.62 40.61
C ALA A 154 5.16 -16.80 39.54
N LEU A 155 4.72 -17.07 38.31
CA LEU A 155 5.62 -17.24 37.19
C LEU A 155 5.77 -15.90 36.49
N LEU A 156 7.00 -15.41 36.38
CA LEU A 156 7.26 -14.13 35.76
C LEU A 156 8.06 -14.26 34.47
N ALA A 157 7.88 -13.28 33.59
CA ALA A 157 8.60 -13.27 32.33
C ALA A 157 8.68 -11.83 31.82
N SER A 158 9.73 -11.52 31.07
CA SER A 158 9.89 -10.19 30.52
C SER A 158 10.80 -10.12 29.32
N ASP A 159 10.73 -8.99 28.64
CA ASP A 159 11.55 -8.66 27.47
C ASP A 159 11.46 -7.15 27.38
N LEU A 160 12.45 -6.47 27.95
CA LEU A 160 12.45 -5.00 27.94
C LEU A 160 13.46 -4.46 26.93
N ALA A 161 13.83 -5.27 25.95
CA ALA A 161 14.80 -4.86 24.93
C ALA A 161 14.34 -3.65 24.13
N ASP A 162 13.03 -3.41 24.10
CA ASP A 162 12.49 -2.26 23.38
C ASP A 162 11.97 -1.25 24.40
N ALA A 163 12.66 -0.12 24.51
CA ALA A 163 12.30 0.93 25.47
C ALA A 163 10.89 1.48 25.29
N ALA A 164 10.42 1.52 24.04
CA ALA A 164 9.08 2.04 23.75
C ALA A 164 7.98 1.00 23.94
N THR A 165 8.37 -0.27 24.06
CA THR A 165 7.39 -1.33 24.27
C THR A 165 7.92 -2.41 25.21
N PRO A 166 8.05 -2.07 26.50
CA PRO A 166 8.53 -3.05 27.46
C PRO A 166 7.37 -3.97 27.82
N VAL A 167 7.64 -5.27 27.89
CA VAL A 167 6.57 -6.20 28.22
C VAL A 167 7.01 -7.25 29.24
N ALA A 168 6.18 -7.43 30.26
CA ALA A 168 6.43 -8.41 31.30
C ALA A 168 5.08 -9.02 31.68
N THR A 169 5.11 -10.27 32.12
CA THR A 169 3.90 -10.96 32.52
C THR A 169 4.04 -11.68 33.84
N ALA A 170 2.92 -12.13 34.36
CA ALA A 170 2.86 -12.86 35.61
C ALA A 170 1.70 -13.83 35.55
N LEU A 171 2.00 -15.12 35.70
CA LEU A 171 0.98 -16.14 35.68
C LEU A 171 0.78 -16.52 37.15
N VAL A 172 -0.41 -16.26 37.67
CA VAL A 172 -0.69 -16.58 39.07
C VAL A 172 -1.89 -17.52 39.21
N SER A 173 -1.76 -18.49 40.11
CA SER A 173 -2.80 -19.49 40.36
C SER A 173 -3.59 -19.17 41.63
N SER A 174 -4.91 -19.14 41.52
CA SER A 174 -5.77 -18.84 42.67
C SER A 174 -5.52 -19.80 43.83
N VAL A 175 -4.85 -20.91 43.54
CA VAL A 175 -4.53 -21.90 44.57
C VAL A 175 -3.02 -22.09 44.63
N GLY A 176 -2.28 -21.14 44.06
CA GLY A 176 -0.84 -21.26 44.07
C GLY A 176 -0.40 -22.41 43.17
N PHE A 177 0.91 -22.64 43.09
CA PHE A 177 1.43 -23.72 42.26
C PHE A 177 2.19 -24.70 43.14
N GLY A 178 2.35 -25.92 42.63
CA GLY A 178 3.10 -26.92 43.35
C GLY A 178 4.53 -26.73 42.88
N ALA A 179 4.93 -27.50 41.87
CA ALA A 179 6.27 -27.37 41.33
C ALA A 179 6.21 -26.26 40.27
N VAL A 180 7.28 -25.49 40.16
CA VAL A 180 7.36 -24.41 39.17
C VAL A 180 8.68 -24.51 38.43
N ALA A 181 8.68 -24.15 37.15
CA ALA A 181 9.91 -24.24 36.38
C ALA A 181 9.94 -23.41 35.10
N ASN A 182 11.14 -22.97 34.73
CA ASN A 182 11.37 -22.22 33.51
C ASN A 182 12.45 -22.94 32.72
N GLY A 183 12.38 -22.89 31.41
CA GLY A 183 13.38 -23.56 30.61
C GLY A 183 13.43 -23.07 29.18
N TYR A 184 14.24 -23.74 28.36
CA TYR A 184 14.39 -23.38 26.95
C TYR A 184 13.61 -24.34 26.07
N VAL A 185 12.72 -23.79 25.27
CA VAL A 185 11.89 -24.58 24.37
C VAL A 185 12.71 -25.58 23.54
N GLY A 186 12.26 -26.83 23.55
CA GLY A 186 12.94 -27.87 22.79
C GLY A 186 14.02 -28.62 23.55
N THR A 187 14.21 -28.28 24.83
CA THR A 187 15.22 -28.95 25.63
C THR A 187 14.86 -29.07 27.11
N SER A 188 14.59 -27.94 27.76
CA SER A 188 14.25 -27.96 29.19
C SER A 188 12.89 -27.34 29.53
N ASP A 189 12.06 -27.15 28.51
CA ASP A 189 10.73 -26.59 28.72
C ASP A 189 9.86 -27.67 29.37
N GLY A 190 8.79 -27.24 30.02
CA GLY A 190 7.88 -28.15 30.70
C GLY A 190 7.42 -29.41 29.96
N TRP A 191 6.95 -29.25 28.73
CA TRP A 191 6.47 -30.42 27.97
C TRP A 191 7.60 -31.39 27.65
N THR A 192 8.67 -30.89 27.05
CA THR A 192 9.81 -31.75 26.74
C THR A 192 10.18 -32.53 28.00
N ASP A 193 10.09 -31.86 29.13
CA ASP A 193 10.40 -32.46 30.41
C ASP A 193 9.39 -33.56 30.76
N LEU A 194 8.12 -33.16 30.88
CA LEU A 194 7.03 -34.09 31.22
C LEU A 194 6.94 -35.28 30.26
N ALA A 195 7.12 -35.02 28.98
CA ALA A 195 7.04 -36.10 27.99
C ALA A 195 8.07 -37.17 28.31
N ALA A 196 9.24 -36.73 28.78
CA ALA A 196 10.33 -37.63 29.11
C ALA A 196 9.96 -38.74 30.09
N ASP A 197 9.38 -38.38 31.23
CA ASP A 197 9.03 -39.39 32.23
C ASP A 197 7.79 -39.02 33.06
N GLY A 198 6.89 -38.25 32.48
CA GLY A 198 5.69 -37.84 33.19
C GLY A 198 6.03 -37.14 34.50
N ARG A 199 7.21 -36.55 34.55
CA ARG A 199 7.65 -35.86 35.75
C ARG A 199 8.37 -34.55 35.41
N LEU A 200 8.30 -33.59 36.31
CA LEU A 200 8.94 -32.29 36.09
C LEU A 200 10.33 -32.35 36.73
N ASP A 201 11.29 -32.85 35.96
CA ASP A 201 12.66 -32.99 36.43
C ASP A 201 13.42 -31.67 36.52
N ASN A 202 13.13 -30.75 35.61
CA ASN A 202 13.77 -29.43 35.61
C ASN A 202 13.11 -28.57 36.67
N ALA A 203 13.90 -28.10 37.63
CA ALA A 203 13.37 -27.27 38.71
C ALA A 203 13.87 -25.84 38.60
N SER A 204 14.77 -25.61 37.64
CA SER A 204 15.33 -24.29 37.42
C SER A 204 14.24 -23.24 37.48
N ALA A 205 14.41 -22.26 38.35
CA ALA A 205 13.42 -21.19 38.51
C ALA A 205 13.71 -20.00 37.62
N THR A 206 14.72 -20.11 36.76
CA THR A 206 15.07 -19.02 35.88
C THR A 206 15.67 -19.52 34.57
N ALA A 207 15.41 -18.79 33.48
CA ALA A 207 15.93 -19.15 32.16
C ALA A 207 15.80 -17.96 31.21
N GLY A 208 16.71 -17.88 30.24
CA GLY A 208 16.69 -16.79 29.30
C GLY A 208 17.75 -15.74 29.59
N PRO A 209 17.88 -14.69 28.77
CA PRO A 209 17.08 -14.40 27.58
C PRO A 209 17.21 -15.41 26.43
N GLY A 210 16.10 -15.60 25.73
CA GLY A 210 16.02 -16.54 24.62
C GLY A 210 14.60 -17.05 24.52
N ASN A 211 14.38 -18.15 23.83
CA ASN A 211 13.03 -18.70 23.72
C ASN A 211 12.77 -19.67 24.88
N ILE A 212 12.04 -19.17 25.87
CA ILE A 212 11.72 -19.97 27.04
C ILE A 212 10.23 -20.29 27.17
N SER A 213 9.89 -21.10 28.16
CA SER A 213 8.50 -21.47 28.43
C SER A 213 8.41 -21.69 29.94
N GLN A 214 7.22 -21.48 30.49
CA GLN A 214 7.03 -21.65 31.92
C GLN A 214 6.08 -22.81 32.17
N THR A 215 6.23 -23.45 33.32
CA THR A 215 5.40 -24.57 33.68
C THR A 215 5.07 -24.52 35.17
N GLY A 216 3.79 -24.60 35.48
CA GLY A 216 3.37 -24.56 36.87
C GLY A 216 2.41 -25.67 37.21
N GLN A 217 2.72 -26.41 38.26
CA GLN A 217 1.87 -27.51 38.69
C GLN A 217 0.73 -26.96 39.53
N ILE A 218 -0.48 -27.43 39.29
CA ILE A 218 -1.63 -26.96 40.04
C ILE A 218 -2.02 -27.97 41.12
N PRO A 219 -1.95 -27.56 42.39
CA PRO A 219 -2.32 -28.47 43.46
C PRO A 219 -3.80 -28.84 43.32
N LEU A 220 -4.07 -30.12 43.19
CA LEU A 220 -5.44 -30.61 43.03
C LEU A 220 -6.09 -30.94 44.38
N ALA A 221 -7.36 -30.58 44.51
CA ALA A 221 -8.09 -30.86 45.75
C ALA A 221 -8.37 -32.34 45.88
N ALA A 222 -8.54 -32.80 47.12
CA ALA A 222 -8.83 -34.20 47.36
C ALA A 222 -10.21 -34.50 46.77
N GLY A 223 -10.31 -35.61 46.05
CA GLY A 223 -11.57 -35.95 45.44
C GLY A 223 -11.46 -35.94 43.92
N GLY A 224 -12.61 -36.02 43.25
CA GLY A 224 -12.60 -36.02 41.81
C GLY A 224 -12.21 -34.72 41.12
N LYS A 225 -12.87 -33.62 41.46
CA LYS A 225 -12.56 -32.38 40.80
C LYS A 225 -12.01 -31.24 41.65
N THR A 226 -11.25 -30.39 40.99
CA THR A 226 -10.67 -29.23 41.62
C THR A 226 -10.98 -28.03 40.73
N GLU A 227 -11.45 -26.96 41.35
CA GLU A 227 -11.77 -25.74 40.63
C GLU A 227 -10.81 -24.66 41.05
N PHE A 228 -10.28 -23.94 40.06
CA PHE A 228 -9.35 -22.86 40.35
C PHE A 228 -9.34 -21.92 39.17
N SER A 229 -8.55 -20.85 39.28
CA SER A 229 -8.46 -19.91 38.19
C SER A 229 -7.03 -19.41 38.06
N LEU A 230 -6.65 -19.03 36.84
CA LEU A 230 -5.33 -18.50 36.57
C LEU A 230 -5.49 -17.07 36.09
N ALA A 231 -4.51 -16.24 36.42
CA ALA A 231 -4.54 -14.85 36.00
C ALA A 231 -3.23 -14.55 35.30
N LEU A 232 -3.32 -14.03 34.08
CA LEU A 232 -2.11 -13.68 33.36
C LEU A 232 -2.11 -12.17 33.23
N GLY A 233 -1.39 -11.52 34.13
CA GLY A 233 -1.30 -10.07 34.13
C GLY A 233 -0.13 -9.55 33.31
N PHE A 234 -0.32 -8.37 32.74
CA PHE A 234 0.70 -7.73 31.92
C PHE A 234 1.08 -6.37 32.50
N GLY A 235 2.29 -5.92 32.21
CA GLY A 235 2.74 -4.64 32.72
C GLY A 235 4.02 -4.19 32.02
N ALA A 236 4.43 -2.95 32.27
CA ALA A 236 5.64 -2.42 31.67
C ALA A 236 6.81 -3.12 32.33
N ASP A 237 6.58 -3.65 33.53
CA ASP A 237 7.61 -4.37 34.25
C ASP A 237 7.02 -5.50 35.10
N THR A 238 7.89 -6.38 35.56
CA THR A 238 7.53 -7.52 36.38
C THR A 238 6.65 -7.20 37.59
N ALA A 239 7.04 -6.19 38.36
CA ALA A 239 6.28 -5.81 39.55
C ALA A 239 4.86 -5.38 39.18
N GLU A 240 4.75 -4.63 38.08
CA GLU A 240 3.43 -4.17 37.63
C GLU A 240 2.58 -5.38 37.24
N ALA A 241 3.17 -6.30 36.48
CA ALA A 241 2.48 -7.49 36.01
C ALA A 241 1.95 -8.35 37.15
N LEU A 242 2.80 -8.62 38.14
CA LEU A 242 2.41 -9.45 39.29
C LEU A 242 1.28 -8.77 40.05
N ALA A 243 1.41 -7.47 40.24
CA ALA A 243 0.41 -6.67 40.97
C ALA A 243 -0.93 -6.67 40.25
N THR A 244 -0.90 -6.55 38.92
CA THR A 244 -2.15 -6.54 38.16
C THR A 244 -2.84 -7.90 38.25
N ALA A 245 -2.06 -8.97 38.11
CA ALA A 245 -2.60 -10.32 38.18
C ALA A 245 -3.24 -10.57 39.53
N LYS A 246 -2.51 -10.25 40.61
CA LYS A 246 -3.00 -10.46 41.96
C LYS A 246 -4.27 -9.63 42.23
N ALA A 247 -4.31 -8.41 41.69
CA ALA A 247 -5.50 -7.58 41.88
C ALA A 247 -6.71 -8.27 41.24
N SER A 248 -6.48 -8.95 40.12
CA SER A 248 -7.55 -9.70 39.43
C SER A 248 -8.02 -10.85 40.30
N LEU A 249 -7.07 -11.69 40.75
CA LEU A 249 -7.43 -12.82 41.61
C LEU A 249 -8.06 -12.28 42.89
N GLY A 250 -7.59 -11.12 43.34
CA GLY A 250 -8.13 -10.52 44.54
C GLY A 250 -9.62 -10.26 44.40
N THR A 251 -10.03 -9.88 43.20
CA THR A 251 -11.43 -9.61 42.93
C THR A 251 -12.13 -10.95 42.75
N GLY A 252 -11.44 -11.88 42.09
CA GLY A 252 -11.99 -13.21 41.86
C GLY A 252 -12.55 -13.41 40.46
N TYR A 253 -12.43 -14.63 39.95
CA TYR A 253 -12.91 -14.97 38.62
C TYR A 253 -14.40 -14.69 38.43
N LYS A 254 -15.23 -15.18 39.34
CA LYS A 254 -16.67 -14.99 39.24
C LYS A 254 -17.03 -13.51 39.11
N LYS A 255 -16.45 -12.68 39.96
CA LYS A 255 -16.73 -11.25 39.94
C LYS A 255 -16.25 -10.61 38.63
N VAL A 256 -15.01 -10.90 38.26
CA VAL A 256 -14.43 -10.36 37.04
C VAL A 256 -15.21 -10.85 35.82
N SER A 257 -15.54 -12.14 35.82
CA SER A 257 -16.28 -12.73 34.72
C SER A 257 -17.61 -11.98 34.52
N LYS A 258 -18.31 -11.73 35.62
CA LYS A 258 -19.60 -11.04 35.56
C LYS A 258 -19.44 -9.62 35.01
N SER A 259 -18.46 -8.89 35.52
CA SER A 259 -18.19 -7.52 35.06
C SER A 259 -17.90 -7.47 33.56
N TYR A 260 -17.03 -8.37 33.10
CA TYR A 260 -16.65 -8.46 31.70
C TYR A 260 -17.83 -8.78 30.80
N THR A 261 -18.65 -9.74 31.23
CA THR A 261 -19.82 -10.16 30.48
C THR A 261 -20.91 -9.10 30.51
N GLY A 262 -20.98 -8.38 31.64
CA GLY A 262 -21.98 -7.34 31.78
C GLY A 262 -21.74 -6.14 30.87
N GLU A 263 -20.49 -5.74 30.70
CA GLU A 263 -20.19 -4.59 29.84
C GLU A 263 -20.63 -4.90 28.41
N TRP A 264 -20.29 -6.10 27.94
CA TRP A 264 -20.65 -6.49 26.59
C TRP A 264 -22.16 -6.55 26.43
N LYS A 265 -22.84 -7.12 27.40
CA LYS A 265 -24.29 -7.21 27.32
C LYS A 265 -24.89 -5.81 27.23
N LYS A 266 -24.40 -4.91 28.08
CA LYS A 266 -24.89 -3.55 28.10
C LYS A 266 -24.58 -2.84 26.78
N TYR A 267 -23.40 -3.10 26.23
CA TYR A 267 -23.00 -2.50 24.97
C TYR A 267 -23.97 -2.91 23.85
N LEU A 268 -24.20 -4.22 23.68
CA LEU A 268 -25.12 -4.69 22.66
C LEU A 268 -26.52 -4.12 22.87
N ASN A 269 -27.02 -4.25 24.08
CA ASN A 269 -28.37 -3.78 24.42
C ASN A 269 -28.59 -2.29 24.16
N SER A 270 -27.51 -1.52 24.15
CA SER A 270 -27.62 -0.08 23.92
C SER A 270 -27.63 0.30 22.43
N LEU A 271 -27.22 -0.62 21.57
CA LEU A 271 -27.17 -0.34 20.15
C LEU A 271 -28.49 -0.65 19.43
N ASP A 272 -28.57 -0.29 18.15
CA ASP A 272 -29.78 -0.51 17.40
C ASP A 272 -30.19 -1.99 17.42
N ALA A 273 -31.49 -2.24 17.48
CA ALA A 273 -32.02 -3.59 17.50
C ALA A 273 -31.99 -4.14 16.07
N PRO A 274 -31.34 -5.30 15.87
CA PRO A 274 -31.26 -5.90 14.54
C PRO A 274 -32.60 -6.36 14.00
N ALA A 275 -32.66 -6.59 12.70
CA ALA A 275 -33.89 -7.03 12.04
C ALA A 275 -34.52 -8.19 12.81
N THR A 276 -35.84 -8.16 12.95
CA THR A 276 -36.57 -9.21 13.65
C THR A 276 -36.44 -10.53 12.91
N SER A 277 -36.16 -10.45 11.61
CA SER A 277 -36.02 -11.66 10.79
C SER A 277 -34.74 -12.45 11.05
N LEU A 278 -33.88 -11.97 11.94
CA LEU A 278 -32.66 -12.69 12.24
C LEU A 278 -32.92 -13.80 13.26
N THR A 279 -33.02 -15.03 12.74
CA THR A 279 -33.26 -16.21 13.57
C THR A 279 -32.14 -16.36 14.60
N GLY A 280 -32.42 -17.13 15.65
CA GLY A 280 -31.43 -17.35 16.69
C GLY A 280 -29.97 -17.36 16.27
N ALA A 281 -29.57 -18.34 15.47
CA ALA A 281 -28.18 -18.45 15.01
C ALA A 281 -27.66 -17.21 14.28
N LEU A 282 -28.49 -16.63 13.43
CA LEU A 282 -28.07 -15.44 12.69
C LEU A 282 -27.99 -14.24 13.63
N ARG A 283 -28.75 -14.28 14.72
CA ARG A 283 -28.75 -13.19 15.68
C ARG A 283 -27.46 -13.27 16.50
N THR A 284 -27.14 -14.47 16.95
CA THR A 284 -25.92 -14.68 17.72
C THR A 284 -24.70 -14.32 16.86
N GLN A 285 -24.78 -14.66 15.57
CA GLN A 285 -23.69 -14.35 14.65
C GLN A 285 -23.52 -12.84 14.58
N TYR A 286 -24.65 -12.14 14.60
CA TYR A 286 -24.66 -10.69 14.54
C TYR A 286 -24.01 -10.10 15.79
N ASP A 287 -24.47 -10.57 16.94
CA ASP A 287 -23.94 -10.11 18.22
C ASP A 287 -22.43 -10.35 18.33
N VAL A 288 -22.00 -11.57 18.00
CA VAL A 288 -20.58 -11.89 18.09
C VAL A 288 -19.76 -11.11 17.06
N SER A 289 -20.29 -10.94 15.86
CA SER A 289 -19.58 -10.19 14.82
C SER A 289 -19.44 -8.73 15.26
N LEU A 290 -20.50 -8.19 15.84
CA LEU A 290 -20.50 -6.81 16.31
C LEU A 290 -19.42 -6.58 17.37
N MET A 291 -19.40 -7.44 18.39
CA MET A 291 -18.43 -7.31 19.46
C MET A 291 -17.00 -7.49 18.96
N THR A 292 -16.81 -8.47 18.08
CA THR A 292 -15.50 -8.77 17.52
C THR A 292 -14.95 -7.57 16.76
N VAL A 293 -15.79 -6.93 15.95
CA VAL A 293 -15.35 -5.74 15.21
C VAL A 293 -14.94 -4.68 16.22
N LYS A 294 -15.77 -4.52 17.25
CA LYS A 294 -15.54 -3.56 18.31
C LYS A 294 -14.21 -3.83 19.01
N SER A 295 -13.93 -5.11 19.21
CA SER A 295 -12.72 -5.53 19.89
C SER A 295 -11.45 -5.27 19.07
N HIS A 296 -11.61 -4.83 17.82
CA HIS A 296 -10.44 -4.55 17.02
C HIS A 296 -10.01 -3.09 17.12
N GLU A 297 -10.64 -2.35 18.02
CA GLU A 297 -10.26 -0.97 18.23
C GLU A 297 -9.20 -0.94 19.32
N ASP A 298 -8.15 -0.15 19.12
CA ASP A 298 -7.10 -0.06 20.12
C ASP A 298 -7.61 0.68 21.36
N LYS A 299 -6.99 0.42 22.50
CA LYS A 299 -7.39 1.04 23.77
C LYS A 299 -6.53 2.26 24.15
N THR A 300 -5.39 2.42 23.48
CA THR A 300 -4.49 3.53 23.77
C THR A 300 -4.63 4.66 22.76
N PHE A 301 -5.10 4.29 21.57
CA PHE A 301 -5.33 5.23 20.50
C PHE A 301 -6.74 4.97 20.03
N PRO A 302 -7.75 5.36 20.83
CA PRO A 302 -9.13 5.12 20.42
C PRO A 302 -9.30 5.63 18.98
N GLY A 303 -10.10 4.90 18.20
CA GLY A 303 -10.30 5.29 16.82
C GLY A 303 -9.46 4.46 15.86
N ALA A 304 -8.42 3.79 16.37
CA ALA A 304 -7.56 2.97 15.51
C ALA A 304 -8.03 1.51 15.53
N PHE A 305 -8.34 0.96 14.36
CA PHE A 305 -8.82 -0.42 14.22
C PHE A 305 -7.85 -1.29 13.44
N ILE A 306 -7.38 -2.40 14.02
CA ILE A 306 -6.48 -3.26 13.26
C ILE A 306 -7.32 -4.22 12.41
N ALA A 307 -6.72 -4.78 11.37
CA ALA A 307 -7.44 -5.69 10.48
C ALA A 307 -7.86 -7.01 11.13
N SER A 308 -6.99 -7.57 11.97
CA SER A 308 -7.29 -8.84 12.63
C SER A 308 -6.24 -9.24 13.64
N LEU A 309 -6.68 -9.70 14.81
CA LEU A 309 -5.79 -10.11 15.90
C LEU A 309 -5.16 -11.46 15.57
N THR A 310 -4.44 -11.53 14.45
CA THR A 310 -3.85 -12.78 14.03
C THR A 310 -2.66 -12.64 13.08
N ILE A 311 -2.03 -13.77 12.79
CA ILE A 311 -0.91 -13.85 11.86
C ILE A 311 -1.28 -15.00 10.92
N PRO A 312 -1.81 -14.68 9.74
CA PRO A 312 -2.18 -15.78 8.83
C PRO A 312 -1.02 -16.74 8.54
N TRP A 313 -1.29 -18.04 8.63
CA TRP A 313 -0.27 -19.05 8.41
C TRP A 313 0.88 -18.78 9.37
N GLY A 314 0.52 -18.44 10.59
CA GLY A 314 1.50 -18.14 11.62
C GLY A 314 2.34 -19.34 12.01
N GLN A 315 1.83 -20.55 11.80
CA GLN A 315 2.58 -21.77 12.13
C GLN A 315 3.80 -21.88 11.24
N ALA A 316 3.81 -21.08 10.17
CA ALA A 316 4.92 -21.09 9.23
C ALA A 316 5.63 -19.74 9.21
N ALA A 317 5.24 -18.85 10.12
CA ALA A 317 5.86 -17.53 10.19
C ALA A 317 6.77 -17.48 11.41
N SER A 318 8.07 -17.30 11.18
CA SER A 318 9.03 -17.25 12.28
C SER A 318 8.73 -16.06 13.17
N ALA A 319 8.97 -16.23 14.47
CA ALA A 319 8.70 -15.17 15.43
C ALA A 319 9.98 -14.51 16.00
N GLU A 320 11.13 -14.88 15.47
CA GLU A 320 12.39 -14.32 15.95
C GLU A 320 12.44 -12.81 15.74
N THR A 321 11.93 -12.34 14.61
CA THR A 321 11.92 -10.92 14.32
C THR A 321 10.51 -10.36 14.28
N HIS A 322 10.36 -9.07 14.63
CA HIS A 322 9.08 -8.40 14.63
C HIS A 322 8.33 -8.64 13.34
N ARG A 323 7.06 -9.00 13.45
CA ARG A 323 6.24 -9.28 12.28
C ARG A 323 4.94 -8.48 12.38
N GLU A 324 4.37 -8.16 11.22
CA GLU A 324 3.14 -7.37 11.19
C GLU A 324 1.87 -8.22 11.15
N GLY A 325 1.90 -9.32 10.41
CA GLY A 325 0.71 -10.16 10.29
C GLY A 325 -0.44 -9.28 9.84
N TYR A 326 -1.60 -9.44 10.47
CA TYR A 326 -2.75 -8.60 10.14
C TYR A 326 -3.06 -7.70 11.33
N HIS A 327 -2.22 -7.76 12.37
CA HIS A 327 -2.44 -6.92 13.54
C HIS A 327 -1.78 -5.57 13.33
N ALA A 328 -2.29 -4.85 12.33
CA ALA A 328 -1.84 -3.52 11.94
C ALA A 328 -3.07 -2.81 11.40
N VAL A 329 -2.99 -1.49 11.23
CA VAL A 329 -4.12 -0.71 10.75
C VAL A 329 -4.12 -0.44 9.23
N TRP A 330 -5.14 -0.96 8.57
CA TRP A 330 -5.35 -0.77 7.14
C TRP A 330 -6.56 0.16 7.03
N ALA A 331 -6.40 1.30 6.37
CA ALA A 331 -7.51 2.24 6.23
C ALA A 331 -8.74 1.54 5.64
N ARG A 332 -8.53 0.68 4.66
CA ARG A 332 -9.63 -0.05 4.03
C ARG A 332 -10.39 -0.93 5.01
N ASP A 333 -9.67 -1.80 5.72
CA ASP A 333 -10.29 -2.70 6.67
C ASP A 333 -10.98 -1.90 7.78
N MET A 334 -10.37 -0.79 8.18
CA MET A 334 -10.94 0.05 9.22
C MET A 334 -12.25 0.66 8.70
N TYR A 335 -12.24 1.12 7.46
CA TYR A 335 -13.45 1.68 6.86
C TYR A 335 -14.58 0.66 6.94
N GLN A 336 -14.26 -0.60 6.67
CA GLN A 336 -15.26 -1.67 6.74
C GLN A 336 -15.75 -1.81 8.17
N SER A 337 -14.84 -1.63 9.13
CA SER A 337 -15.16 -1.78 10.55
C SER A 337 -16.05 -0.68 11.15
N VAL A 338 -15.69 0.58 10.93
CA VAL A 338 -16.49 1.68 11.49
C VAL A 338 -17.81 1.80 10.76
N THR A 339 -17.81 1.43 9.49
CA THR A 339 -19.01 1.49 8.70
C THR A 339 -19.99 0.42 9.24
N ALA A 340 -19.45 -0.63 9.84
CA ALA A 340 -20.28 -1.70 10.43
C ALA A 340 -20.80 -1.25 11.79
N LEU A 341 -19.92 -0.62 12.59
CA LEU A 341 -20.31 -0.14 13.90
C LEU A 341 -21.33 1.00 13.70
N LEU A 342 -21.14 1.74 12.62
CA LEU A 342 -22.05 2.83 12.27
C LEU A 342 -23.42 2.22 11.95
N ALA A 343 -23.42 1.12 11.21
CA ALA A 343 -24.68 0.47 10.85
C ALA A 343 -25.39 -0.06 12.10
N ALA A 344 -24.61 -0.53 13.07
CA ALA A 344 -25.17 -1.05 14.31
C ALA A 344 -25.55 0.08 15.28
N GLY A 345 -25.11 1.31 14.98
CA GLY A 345 -25.46 2.43 15.84
C GLY A 345 -24.40 2.98 16.79
N ASP A 346 -23.14 2.62 16.58
CA ASP A 346 -22.07 3.11 17.44
C ASP A 346 -21.39 4.30 16.77
N GLU A 347 -21.98 5.49 16.96
CA GLU A 347 -21.48 6.72 16.35
C GLU A 347 -20.13 7.21 16.88
N GLU A 348 -19.93 7.11 18.19
CA GLU A 348 -18.68 7.56 18.79
C GLU A 348 -17.44 6.85 18.25
N ALA A 349 -17.55 5.54 18.00
CA ALA A 349 -16.43 4.78 17.46
C ALA A 349 -16.01 5.37 16.11
N ALA A 350 -17.01 5.74 15.31
CA ALA A 350 -16.75 6.32 14.00
C ALA A 350 -16.14 7.71 14.13
N ALA A 351 -16.58 8.47 15.11
CA ALA A 351 -16.02 9.81 15.30
C ALA A 351 -14.55 9.68 15.69
N ARG A 352 -14.25 8.84 16.68
CA ARG A 352 -12.86 8.64 17.09
C ARG A 352 -12.06 8.16 15.87
N GLY A 353 -12.64 7.20 15.14
CA GLY A 353 -11.99 6.66 13.97
C GLY A 353 -11.59 7.70 12.95
N VAL A 354 -12.53 8.55 12.56
CA VAL A 354 -12.22 9.59 11.57
C VAL A 354 -11.12 10.51 12.09
N GLU A 355 -11.24 10.90 13.35
CA GLU A 355 -10.24 11.77 13.98
C GLU A 355 -8.87 11.08 13.97
N TRP A 356 -8.84 9.79 14.33
CA TRP A 356 -7.57 9.07 14.36
C TRP A 356 -6.90 8.98 12.99
N LEU A 357 -7.70 8.67 11.97
CA LEU A 357 -7.17 8.53 10.62
C LEU A 357 -6.44 9.77 10.12
N PHE A 358 -7.09 10.92 10.21
CA PHE A 358 -6.49 12.15 9.71
C PHE A 358 -5.43 12.75 10.62
N THR A 359 -5.49 12.43 11.90
CA THR A 359 -4.50 12.98 12.81
C THR A 359 -3.25 12.10 12.87
N TYR A 360 -3.45 10.80 13.03
CA TYR A 360 -2.31 9.89 13.15
C TYR A 360 -1.79 9.16 11.91
N GLN A 361 -2.67 8.73 11.00
CA GLN A 361 -2.19 7.99 9.84
C GLN A 361 -1.96 8.78 8.56
N GLN A 362 -2.76 9.82 8.32
CA GLN A 362 -2.59 10.60 7.10
C GLN A 362 -1.18 11.18 6.99
N GLN A 363 -0.60 11.07 5.80
CA GLN A 363 0.75 11.56 5.54
C GLN A 363 0.72 13.04 5.17
N PRO A 364 1.83 13.75 5.41
CA PRO A 364 1.88 15.17 5.07
C PRO A 364 1.42 15.52 3.65
N ASP A 365 1.60 14.61 2.70
CA ASP A 365 1.17 14.92 1.33
C ASP A 365 -0.33 14.72 1.14
N GLY A 366 -1.01 14.25 2.18
CA GLY A 366 -2.44 14.06 2.09
C GLY A 366 -2.98 12.65 1.94
N HIS A 367 -2.17 11.72 1.45
CA HIS A 367 -2.63 10.34 1.27
C HIS A 367 -2.42 9.47 2.49
N PHE A 368 -3.05 8.30 2.49
CA PHE A 368 -2.93 7.37 3.59
C PHE A 368 -2.00 6.22 3.21
N PRO A 369 -1.06 5.88 4.11
CA PRO A 369 -0.08 4.81 3.92
C PRO A 369 -0.77 3.47 3.75
N GLN A 370 -0.07 2.51 3.17
CA GLN A 370 -0.67 1.20 2.97
C GLN A 370 -1.12 0.62 4.30
N THR A 371 -0.23 0.71 5.28
CA THR A 371 -0.53 0.18 6.59
C THR A 371 0.24 0.99 7.63
N SER A 372 -0.15 0.86 8.89
CA SER A 372 0.52 1.58 9.97
C SER A 372 0.29 0.89 11.31
N ARG A 373 1.01 1.36 12.31
CA ARG A 373 0.92 0.84 13.67
C ARG A 373 -0.28 1.60 14.25
N VAL A 374 -0.75 1.25 15.45
CA VAL A 374 -1.89 1.97 15.99
C VAL A 374 -1.55 3.40 16.36
N ASP A 375 -0.25 3.73 16.38
CA ASP A 375 0.16 5.09 16.72
C ASP A 375 0.47 5.90 15.47
N GLY A 376 0.08 5.37 14.31
CA GLY A 376 0.31 6.08 13.06
C GLY A 376 1.63 5.81 12.38
N THR A 377 2.54 5.13 13.09
CA THR A 377 3.84 4.80 12.52
C THR A 377 3.64 3.94 11.27
N ILE A 378 4.12 4.45 10.15
CA ILE A 378 3.99 3.78 8.86
C ILE A 378 4.58 2.37 8.84
N GLY A 379 3.80 1.44 8.28
CA GLY A 379 4.25 0.06 8.16
C GLY A 379 4.65 -0.17 6.71
N GLN A 380 3.71 -0.66 5.91
CA GLN A 380 3.98 -0.89 4.50
C GLN A 380 3.78 0.44 3.77
N ASN A 381 4.53 0.66 2.70
CA ASN A 381 4.44 1.93 1.99
C ASN A 381 3.88 1.93 0.57
N GLY A 382 3.03 0.95 0.25
CA GLY A 382 2.45 0.92 -1.08
C GLY A 382 1.39 2.01 -1.20
N ILE A 383 1.02 2.38 -2.42
CA ILE A 383 0.01 3.41 -2.63
C ILE A 383 -1.31 2.78 -3.08
N GLN A 384 -2.30 2.74 -2.18
CA GLN A 384 -3.63 2.21 -2.51
C GLN A 384 -4.59 3.40 -2.45
N LEU A 385 -5.02 3.88 -3.62
CA LEU A 385 -5.90 5.03 -3.64
C LEU A 385 -7.23 4.84 -2.91
N ASP A 386 -7.68 3.61 -2.75
CA ASP A 386 -8.93 3.39 -2.04
C ASP A 386 -8.74 3.62 -0.55
N GLU A 387 -7.49 3.56 -0.09
CA GLU A 387 -7.22 3.78 1.33
C GLU A 387 -7.21 5.27 1.65
N THR A 388 -7.17 6.09 0.61
CA THR A 388 -7.21 7.53 0.81
C THR A 388 -8.66 7.98 0.61
N ALA A 389 -9.38 7.27 -0.26
CA ALA A 389 -10.77 7.59 -0.54
C ALA A 389 -11.73 7.16 0.58
N PHE A 390 -11.48 6.00 1.20
CA PHE A 390 -12.37 5.53 2.25
C PHE A 390 -12.42 6.47 3.46
N PRO A 391 -11.28 7.01 3.88
CA PRO A 391 -11.41 7.90 5.04
C PRO A 391 -12.24 9.15 4.70
N ILE A 392 -12.18 9.61 3.45
CA ILE A 392 -12.96 10.76 3.04
C ILE A 392 -14.44 10.37 3.14
N LEU A 393 -14.76 9.17 2.68
CA LEU A 393 -16.13 8.66 2.71
C LEU A 393 -16.64 8.43 4.13
N LEU A 394 -15.71 8.22 5.06
CA LEU A 394 -16.04 8.01 6.46
C LEU A 394 -16.45 9.37 7.03
N ALA A 395 -15.66 10.40 6.71
CA ALA A 395 -15.95 11.76 7.16
C ALA A 395 -17.24 12.26 6.51
N ASN A 396 -17.46 11.88 5.26
CA ASN A 396 -18.67 12.29 4.56
C ASN A 396 -19.89 11.69 5.26
N GLN A 397 -19.83 10.40 5.56
CA GLN A 397 -20.94 9.71 6.22
C GLN A 397 -21.27 10.27 7.61
N ILE A 398 -20.23 10.54 8.38
CA ILE A 398 -20.32 11.04 9.75
C ILE A 398 -20.58 12.53 9.89
N GLY A 399 -20.48 13.26 8.77
CA GLY A 399 -20.70 14.70 8.83
C GLY A 399 -19.51 15.48 9.37
N ARG A 400 -18.34 14.85 9.46
CA ARG A 400 -17.15 15.56 9.94
C ARG A 400 -16.74 16.46 8.78
N THR A 401 -17.42 17.61 8.69
CA THR A 401 -17.21 18.55 7.60
C THR A 401 -16.92 20.01 7.99
N ASP A 402 -16.51 20.25 9.23
CA ASP A 402 -16.22 21.62 9.67
C ASP A 402 -15.08 22.26 8.87
N ALA A 403 -15.24 23.56 8.59
CA ALA A 403 -14.27 24.32 7.81
C ALA A 403 -12.81 24.00 8.11
N GLY A 404 -12.47 23.94 9.40
CA GLY A 404 -11.09 23.61 9.76
C GLY A 404 -10.69 22.23 9.28
N PHE A 405 -11.52 21.24 9.58
CA PHE A 405 -11.24 19.87 9.16
C PHE A 405 -11.21 19.75 7.63
N TYR A 406 -12.02 20.55 6.96
CA TYR A 406 -12.03 20.51 5.49
C TYR A 406 -10.72 21.01 4.89
N ARG A 407 -10.29 22.21 5.29
CA ARG A 407 -9.07 22.80 4.75
C ARG A 407 -7.79 22.05 5.08
N ASN A 408 -7.65 21.61 6.32
CA ASN A 408 -6.42 20.93 6.76
C ASN A 408 -6.41 19.41 6.69
N GLU A 409 -7.57 18.81 6.57
CA GLU A 409 -7.66 17.36 6.56
C GLU A 409 -8.24 16.77 5.26
N LEU A 410 -9.47 17.13 4.97
CA LEU A 410 -10.17 16.63 3.79
C LEU A 410 -9.55 17.07 2.45
N LYS A 411 -9.39 18.38 2.25
CA LYS A 411 -8.84 18.91 1.01
C LYS A 411 -7.52 18.26 0.62
N PRO A 412 -6.56 18.17 1.56
CA PRO A 412 -5.30 17.53 1.17
C PRO A 412 -5.49 16.09 0.66
N ALA A 413 -6.43 15.36 1.26
CA ALA A 413 -6.67 13.99 0.85
C ALA A 413 -7.33 13.96 -0.53
N ALA A 414 -8.31 14.84 -0.73
CA ALA A 414 -9.01 14.91 -2.02
C ALA A 414 -8.05 15.41 -3.11
N ASP A 415 -7.21 16.39 -2.77
CA ASP A 415 -6.25 16.94 -3.74
C ASP A 415 -5.30 15.85 -4.20
N TYR A 416 -4.92 14.96 -3.29
CA TYR A 416 -4.02 13.86 -3.64
C TYR A 416 -4.68 13.01 -4.72
N LEU A 417 -5.93 12.63 -4.48
CA LEU A 417 -6.70 11.83 -5.42
C LEU A 417 -6.74 12.49 -6.81
N VAL A 418 -7.00 13.79 -6.84
CA VAL A 418 -7.04 14.52 -8.11
C VAL A 418 -5.67 14.45 -8.76
N ALA A 419 -4.63 14.62 -7.95
CA ALA A 419 -3.27 14.59 -8.47
C ALA A 419 -2.86 13.19 -8.93
N ALA A 420 -3.30 12.16 -8.21
CA ALA A 420 -2.95 10.78 -8.55
C ALA A 420 -3.53 10.27 -9.87
N GLY A 421 -4.61 10.88 -10.35
CA GLY A 421 -5.21 10.42 -11.59
C GLY A 421 -6.06 9.20 -11.30
N PRO A 422 -6.83 8.72 -12.29
CA PRO A 422 -7.69 7.55 -12.13
C PRO A 422 -7.00 6.20 -11.91
N LYS A 423 -5.73 6.09 -12.24
CA LYS A 423 -5.03 4.81 -12.07
C LYS A 423 -4.40 4.64 -10.69
N THR A 424 -4.71 3.53 -10.04
CA THR A 424 -4.16 3.27 -8.73
C THR A 424 -2.95 2.33 -8.86
N PRO A 425 -1.84 2.65 -8.19
CA PRO A 425 -0.70 1.76 -8.31
C PRO A 425 -0.98 0.38 -7.69
N GLN A 426 -1.91 0.35 -6.75
CA GLN A 426 -2.31 -0.90 -6.09
C GLN A 426 -3.82 -0.89 -5.83
N GLU A 427 -4.52 -1.97 -6.18
CA GLU A 427 -5.95 -2.09 -5.94
C GLU A 427 -6.15 -2.73 -4.57
N ARG A 428 -7.40 -3.00 -4.18
CA ARG A 428 -7.67 -3.53 -2.85
C ARG A 428 -6.98 -4.83 -2.43
N TRP A 429 -6.58 -5.67 -3.38
CA TRP A 429 -5.91 -6.91 -3.02
C TRP A 429 -4.40 -6.64 -2.88
N GLU A 430 -4.03 -5.37 -2.99
CA GLU A 430 -2.64 -4.94 -2.81
C GLU A 430 -1.60 -5.57 -3.73
N GLU A 431 -1.97 -5.85 -4.98
CA GLU A 431 -1.03 -6.54 -5.86
C GLU A 431 -0.63 -5.88 -7.18
N THR A 432 -1.55 -5.17 -7.83
CA THR A 432 -1.25 -4.54 -9.10
C THR A 432 -2.00 -3.25 -9.28
N GLY A 433 -1.69 -2.53 -10.36
CA GLY A 433 -2.34 -1.25 -10.61
C GLY A 433 -2.95 -1.02 -11.98
N GLY A 434 -3.49 0.17 -12.15
CA GLY A 434 -4.13 0.55 -13.39
C GLY A 434 -5.57 0.96 -13.07
N TYR A 435 -6.44 0.92 -14.08
CA TYR A 435 -7.83 1.28 -13.85
C TYR A 435 -8.52 0.11 -13.13
N SER A 436 -8.86 0.33 -11.86
CA SER A 436 -9.50 -0.70 -11.03
C SER A 436 -10.99 -0.41 -10.81
N THR A 437 -11.82 -1.42 -11.03
CA THR A 437 -13.27 -1.24 -10.85
C THR A 437 -13.52 -0.90 -9.39
N SER A 438 -12.96 -1.72 -8.52
CA SER A 438 -13.08 -1.57 -7.09
C SER A 438 -12.56 -0.21 -6.57
N THR A 439 -11.33 0.15 -6.95
CA THR A 439 -10.75 1.40 -6.47
C THR A 439 -11.32 2.66 -7.12
N LEU A 440 -11.60 2.60 -8.41
CA LEU A 440 -12.14 3.75 -9.10
C LEU A 440 -13.53 4.08 -8.53
N ALA A 441 -14.24 3.06 -8.07
CA ALA A 441 -15.56 3.28 -7.48
C ALA A 441 -15.44 4.13 -6.22
N SER A 442 -14.43 3.83 -5.40
CA SER A 442 -14.19 4.57 -4.16
C SER A 442 -13.60 5.96 -4.47
N GLN A 443 -12.85 6.06 -5.56
CA GLN A 443 -12.25 7.34 -5.96
C GLN A 443 -13.35 8.31 -6.39
N ILE A 444 -14.24 7.82 -7.24
CA ILE A 444 -15.36 8.63 -7.74
C ILE A 444 -16.26 9.07 -6.58
N ALA A 445 -16.62 8.14 -5.72
CA ALA A 445 -17.49 8.45 -4.60
C ALA A 445 -16.83 9.42 -3.63
N ALA A 446 -15.54 9.21 -3.38
CA ALA A 446 -14.80 10.08 -2.47
C ALA A 446 -14.71 11.50 -3.02
N LEU A 447 -14.43 11.65 -4.31
CA LEU A 447 -14.34 12.99 -4.89
C LEU A 447 -15.71 13.64 -5.05
N ALA A 448 -16.73 12.83 -5.33
CA ALA A 448 -18.07 13.39 -5.47
C ALA A 448 -18.44 13.93 -4.09
N ALA A 449 -18.13 13.16 -3.06
CA ALA A 449 -18.42 13.56 -1.69
C ALA A 449 -17.61 14.79 -1.32
N ALA A 450 -16.31 14.77 -1.64
CA ALA A 450 -15.43 15.90 -1.33
C ALA A 450 -15.94 17.16 -1.99
N ALA A 451 -16.56 17.02 -3.15
CA ALA A 451 -17.11 18.17 -3.86
C ALA A 451 -18.20 18.84 -3.02
N ASP A 452 -19.13 18.04 -2.50
CA ASP A 452 -20.21 18.59 -1.69
C ASP A 452 -19.68 19.21 -0.40
N ILE A 453 -18.65 18.60 0.17
CA ILE A 453 -18.08 19.12 1.39
C ILE A 453 -17.38 20.45 1.09
N ALA A 454 -16.66 20.51 -0.03
CA ALA A 454 -15.97 21.74 -0.41
C ALA A 454 -17.01 22.82 -0.65
N GLY A 455 -18.07 22.47 -1.37
CA GLY A 455 -19.12 23.42 -1.66
C GLY A 455 -19.78 23.92 -0.40
N LYS A 456 -20.10 22.99 0.50
CA LYS A 456 -20.75 23.33 1.77
C LYS A 456 -19.89 24.31 2.57
N ASN A 457 -18.58 24.27 2.35
CA ASN A 457 -17.67 25.15 3.05
C ASN A 457 -17.29 26.43 2.27
N GLY A 458 -18.00 26.69 1.17
CA GLY A 458 -17.74 27.89 0.39
C GLY A 458 -16.58 27.89 -0.60
N ASP A 459 -15.97 26.73 -0.83
CA ASP A 459 -14.85 26.61 -1.76
C ASP A 459 -15.37 26.08 -3.09
N ALA A 460 -15.95 26.97 -3.89
CA ALA A 460 -16.51 26.58 -5.18
C ALA A 460 -15.47 26.04 -6.17
N GLY A 461 -14.27 26.62 -6.15
CA GLY A 461 -13.22 26.17 -7.06
C GLY A 461 -12.87 24.71 -6.87
N SER A 462 -12.56 24.32 -5.65
CA SER A 462 -12.22 22.95 -5.34
C SER A 462 -13.41 22.02 -5.56
N ALA A 463 -14.62 22.55 -5.39
CA ALA A 463 -15.84 21.75 -5.59
C ALA A 463 -15.97 21.38 -7.06
N ALA A 464 -15.77 22.37 -7.93
CA ALA A 464 -15.85 22.14 -9.37
C ALA A 464 -14.78 21.14 -9.83
N VAL A 465 -13.57 21.31 -9.31
CA VAL A 465 -12.49 20.41 -9.65
C VAL A 465 -12.83 18.96 -9.28
N TYR A 466 -13.25 18.76 -8.02
CA TYR A 466 -13.60 17.43 -7.53
C TYR A 466 -14.79 16.79 -8.27
N ARG A 467 -15.84 17.57 -8.48
CA ARG A 467 -17.03 17.07 -9.15
C ARG A 467 -16.73 16.76 -10.62
N ALA A 468 -16.12 17.71 -11.31
CA ALA A 468 -15.76 17.54 -12.71
C ALA A 468 -14.87 16.29 -12.86
N THR A 469 -13.89 16.13 -11.97
CA THR A 469 -12.99 14.96 -12.03
C THR A 469 -13.78 13.66 -11.79
N ALA A 470 -14.55 13.62 -10.71
CA ALA A 470 -15.33 12.43 -10.38
C ALA A 470 -16.33 12.12 -11.51
N ASP A 471 -16.95 13.15 -12.06
CA ASP A 471 -17.91 12.97 -13.15
C ASP A 471 -17.27 12.30 -14.36
N GLU A 472 -16.07 12.76 -14.70
CA GLU A 472 -15.35 12.23 -15.85
C GLU A 472 -15.00 10.76 -15.64
N TRP A 473 -14.53 10.41 -14.45
CA TRP A 473 -14.15 9.02 -14.20
C TRP A 473 -15.40 8.14 -14.17
N GLN A 474 -16.48 8.69 -13.63
CA GLN A 474 -17.73 7.97 -13.53
C GLN A 474 -18.30 7.61 -14.92
N ARG A 475 -18.18 8.55 -15.86
CA ARG A 475 -18.70 8.28 -17.21
C ARG A 475 -17.71 7.48 -18.06
N SER A 476 -16.53 7.23 -17.50
CA SER A 476 -15.47 6.48 -18.20
C SER A 476 -15.31 5.05 -17.68
N THR A 477 -16.11 4.72 -16.69
CA THR A 477 -16.07 3.39 -16.07
C THR A 477 -16.17 2.24 -17.08
N GLU A 478 -17.12 2.32 -18.00
CA GLU A 478 -17.30 1.27 -19.00
C GLU A 478 -16.23 1.29 -20.08
N LYS A 479 -15.84 2.49 -20.50
CA LYS A 479 -14.83 2.62 -21.54
C LYS A 479 -13.51 2.05 -21.07
N TRP A 480 -13.19 2.27 -19.80
CA TRP A 480 -11.93 1.78 -19.26
C TRP A 480 -11.84 0.36 -18.79
N MET A 481 -12.92 -0.18 -18.25
CA MET A 481 -12.84 -1.52 -17.68
C MET A 481 -13.86 -2.59 -18.07
N PHE A 482 -14.84 -2.23 -18.89
CA PHE A 482 -15.86 -3.21 -19.29
C PHE A 482 -15.46 -3.82 -20.63
N THR A 483 -14.92 -5.03 -20.59
CA THR A 483 -14.49 -5.70 -21.81
C THR A 483 -15.68 -6.20 -22.60
N THR A 484 -15.47 -6.36 -23.90
CA THR A 484 -16.50 -6.80 -24.82
C THR A 484 -16.02 -8.00 -25.64
N ASN A 485 -14.79 -8.44 -25.37
CA ASN A 485 -14.23 -9.57 -26.09
C ASN A 485 -13.48 -10.49 -25.14
N GLY A 486 -14.00 -10.63 -23.93
CA GLY A 486 -13.37 -11.50 -22.94
C GLY A 486 -13.66 -12.95 -23.26
N PRO A 487 -12.70 -13.86 -23.01
CA PRO A 487 -12.86 -15.29 -23.27
C PRO A 487 -13.75 -16.07 -22.30
N VAL A 488 -14.84 -15.46 -21.86
CA VAL A 488 -15.78 -16.11 -20.94
C VAL A 488 -17.21 -15.69 -21.29
N GLY A 489 -18.15 -16.63 -21.27
CA GLY A 489 -19.53 -16.34 -21.57
C GLY A 489 -19.75 -15.51 -22.83
N ASP A 490 -20.60 -14.50 -22.74
CA ASP A 490 -20.87 -13.65 -23.89
C ASP A 490 -19.72 -12.67 -24.18
N GLY A 491 -18.66 -12.75 -23.39
CA GLY A 491 -17.50 -11.88 -23.59
C GLY A 491 -17.67 -10.43 -23.14
N LYS A 492 -18.82 -10.11 -22.55
CA LYS A 492 -19.12 -8.75 -22.07
C LYS A 492 -19.27 -8.72 -20.56
N TYR A 493 -18.33 -8.05 -19.90
CA TYR A 493 -18.32 -7.91 -18.46
C TYR A 493 -17.19 -6.98 -18.01
N TYR A 494 -17.28 -6.49 -16.78
CA TYR A 494 -16.23 -5.65 -16.22
C TYR A 494 -15.10 -6.61 -15.89
N LEU A 495 -13.88 -6.27 -16.28
CA LEU A 495 -12.74 -7.11 -15.92
C LEU A 495 -12.27 -6.60 -14.56
N ARG A 496 -11.21 -7.17 -14.02
CA ARG A 496 -10.72 -6.76 -12.71
C ARG A 496 -9.97 -5.43 -12.73
N ILE A 497 -9.03 -5.30 -13.65
CA ILE A 497 -8.23 -4.09 -13.76
C ILE A 497 -7.54 -4.02 -15.12
N SER A 498 -7.43 -2.83 -15.67
CA SER A 498 -6.77 -2.64 -16.97
C SER A 498 -5.58 -1.70 -16.81
N ALA A 499 -4.48 -2.03 -17.47
CA ALA A 499 -3.28 -1.21 -17.39
C ALA A 499 -3.37 -0.01 -18.34
N THR A 500 -4.09 -0.19 -19.43
CA THR A 500 -4.20 0.84 -20.46
C THR A 500 -5.52 1.59 -20.53
N GLY A 501 -6.59 0.99 -20.03
CA GLY A 501 -7.87 1.65 -20.12
C GLY A 501 -8.59 1.19 -21.38
N ASN A 502 -8.03 0.17 -22.02
CA ASN A 502 -8.67 -0.41 -23.21
C ASN A 502 -8.87 -1.87 -22.85
N PRO A 503 -10.02 -2.19 -22.25
CA PRO A 503 -10.37 -3.55 -21.83
C PRO A 503 -10.40 -4.61 -22.92
N ASN A 504 -10.28 -4.20 -24.18
CA ASN A 504 -10.30 -5.16 -25.28
C ASN A 504 -8.94 -5.42 -25.91
N ASP A 505 -7.89 -4.78 -25.39
CA ASP A 505 -6.56 -4.97 -25.96
C ASP A 505 -5.87 -6.25 -25.53
N GLY A 506 -6.51 -7.00 -24.64
CA GLY A 506 -5.94 -8.24 -24.17
C GLY A 506 -4.54 -8.12 -23.58
N ALA A 507 -4.23 -6.96 -23.00
CA ALA A 507 -2.91 -6.77 -22.41
C ALA A 507 -2.72 -7.75 -21.26
N THR A 508 -1.52 -8.32 -21.18
CA THR A 508 -1.21 -9.29 -20.14
C THR A 508 -0.33 -8.70 -19.06
N ARG A 509 -0.16 -9.48 -18.00
CA ARG A 509 0.69 -9.12 -16.87
C ARG A 509 0.79 -10.36 -16.00
N ASP A 510 1.80 -10.39 -15.12
CA ASP A 510 1.97 -11.50 -14.19
C ASP A 510 1.10 -11.09 -13.00
N TRP A 511 0.22 -11.99 -12.57
CA TRP A 511 -0.68 -11.68 -11.46
C TRP A 511 -0.20 -12.08 -10.08
N GLY A 512 1.09 -12.37 -9.96
CA GLY A 512 1.67 -12.75 -8.68
C GLY A 512 1.16 -14.01 -8.00
N ASN A 513 1.73 -14.27 -6.81
CA ASN A 513 1.37 -15.43 -6.00
C ASN A 513 1.47 -16.75 -6.76
N GLY A 514 2.22 -16.74 -7.85
CA GLY A 514 2.39 -17.95 -8.64
C GLY A 514 1.32 -18.17 -9.70
N ALA A 515 0.46 -17.17 -9.91
CA ALA A 515 -0.61 -17.29 -10.91
C ALA A 515 -0.09 -17.16 -12.34
N GLY A 516 1.08 -16.55 -12.50
CA GLY A 516 1.65 -16.40 -13.84
C GLY A 516 1.05 -15.29 -14.67
N VAL A 517 1.26 -15.37 -15.97
CA VAL A 517 0.77 -14.37 -16.91
C VAL A 517 -0.56 -14.75 -17.55
N HIS A 518 -1.47 -13.78 -17.56
CA HIS A 518 -2.79 -13.95 -18.13
C HIS A 518 -3.25 -12.62 -18.69
N PRO A 519 -4.04 -12.64 -19.76
CA PRO A 519 -4.50 -11.36 -20.31
C PRO A 519 -5.59 -10.78 -19.39
N GLU A 520 -5.51 -9.47 -19.15
CA GLU A 520 -6.45 -8.76 -18.28
C GLU A 520 -7.91 -9.08 -18.62
N ASN A 521 -8.11 -9.47 -19.87
CA ASN A 521 -9.41 -9.86 -20.42
C ASN A 521 -9.95 -11.12 -19.75
N ALA A 522 -9.04 -11.94 -19.23
CA ALA A 522 -9.42 -13.19 -18.61
C ALA A 522 -9.54 -13.17 -17.10
N VAL A 523 -9.22 -12.04 -16.47
CA VAL A 523 -9.31 -11.96 -15.02
C VAL A 523 -10.58 -11.27 -14.55
N LEU A 524 -11.48 -12.07 -13.99
CA LEU A 524 -12.76 -11.61 -13.48
C LEU A 524 -12.65 -11.29 -11.99
N ASP A 525 -13.36 -10.25 -11.55
CA ASP A 525 -13.31 -9.82 -10.15
C ASP A 525 -14.61 -9.10 -9.76
N GLY A 526 -15.20 -9.50 -8.63
CA GLY A 526 -16.43 -8.90 -8.16
C GLY A 526 -16.31 -7.46 -7.68
N GLY A 527 -15.12 -6.89 -7.81
CA GLY A 527 -14.91 -5.52 -7.38
C GLY A 527 -15.85 -4.51 -8.01
N PHE A 528 -16.44 -4.86 -9.16
CA PHE A 528 -17.35 -3.92 -9.82
C PHE A 528 -18.63 -3.70 -9.01
N LEU A 529 -18.92 -4.59 -8.07
CA LEU A 529 -20.11 -4.41 -7.25
C LEU A 529 -20.01 -3.16 -6.38
N GLU A 530 -18.79 -2.67 -6.18
CA GLU A 530 -18.58 -1.47 -5.37
C GLU A 530 -19.24 -0.25 -6.02
N PHE A 531 -19.45 -0.32 -7.33
CA PHE A 531 -20.09 0.78 -8.04
C PHE A 531 -21.48 1.09 -7.50
N VAL A 532 -22.32 0.06 -7.31
CA VAL A 532 -23.66 0.35 -6.81
C VAL A 532 -23.62 0.54 -5.30
N ARG A 533 -22.75 -0.21 -4.62
CA ARG A 533 -22.63 -0.10 -3.18
C ARG A 533 -22.27 1.32 -2.74
N LEU A 534 -21.43 2.00 -3.52
CA LEU A 534 -21.02 3.36 -3.18
C LEU A 534 -21.82 4.43 -3.95
N GLY A 535 -22.92 3.99 -4.54
CA GLY A 535 -23.80 4.88 -5.27
C GLY A 535 -23.20 5.51 -6.52
N VAL A 536 -22.20 4.87 -7.09
CA VAL A 536 -21.54 5.38 -8.31
C VAL A 536 -22.32 5.00 -9.55
N LYS A 537 -23.18 3.99 -9.44
CA LYS A 537 -24.02 3.55 -10.54
C LYS A 537 -25.33 3.12 -9.93
N ALA A 538 -26.39 3.15 -10.72
CA ALA A 538 -27.70 2.72 -10.23
C ALA A 538 -27.64 1.25 -9.88
N PRO A 539 -28.48 0.82 -8.93
CA PRO A 539 -28.48 -0.59 -8.54
C PRO A 539 -28.72 -1.52 -9.74
N ALA A 540 -29.59 -1.10 -10.65
CA ALA A 540 -29.90 -1.91 -11.82
C ALA A 540 -29.04 -1.57 -13.02
N ASP A 541 -27.91 -0.89 -12.80
CA ASP A 541 -27.03 -0.55 -13.92
C ASP A 541 -26.88 -1.78 -14.81
N PRO A 542 -27.05 -1.60 -16.13
CA PRO A 542 -26.94 -2.71 -17.08
C PRO A 542 -25.54 -3.33 -17.21
N TYR A 543 -24.51 -2.51 -17.12
CA TYR A 543 -23.14 -3.02 -17.25
C TYR A 543 -22.78 -3.90 -16.08
N VAL A 544 -23.20 -3.50 -14.88
CA VAL A 544 -22.91 -4.28 -13.70
C VAL A 544 -23.66 -5.62 -13.84
N ALA A 545 -24.83 -5.58 -14.48
CA ALA A 545 -25.64 -6.77 -14.70
C ALA A 545 -25.01 -7.85 -15.61
N ASP A 546 -24.45 -7.48 -16.77
CA ASP A 546 -23.86 -8.51 -17.66
C ASP A 546 -22.56 -9.03 -17.06
N SER A 547 -22.04 -8.36 -16.05
CA SER A 547 -20.79 -8.81 -15.44
C SER A 547 -21.03 -10.04 -14.57
N LEU A 548 -22.26 -10.16 -14.08
CA LEU A 548 -22.66 -11.25 -13.19
C LEU A 548 -22.44 -12.69 -13.68
N ALA A 549 -23.04 -13.03 -14.81
CA ALA A 549 -22.94 -14.39 -15.34
C ALA A 549 -21.50 -14.87 -15.49
N GLU A 550 -20.71 -14.14 -16.27
CA GLU A 550 -19.32 -14.51 -16.47
C GLU A 550 -18.56 -14.52 -15.14
N THR A 551 -18.72 -13.47 -14.33
CA THR A 551 -18.02 -13.44 -13.06
C THR A 551 -18.37 -14.66 -12.20
N ASP A 552 -19.65 -15.02 -12.15
CA ASP A 552 -20.07 -16.17 -11.35
C ASP A 552 -19.49 -17.48 -11.89
N ALA A 553 -19.47 -17.59 -13.21
CA ALA A 553 -18.94 -18.78 -13.86
C ALA A 553 -17.44 -18.94 -13.59
N SER A 554 -16.74 -17.82 -13.70
CA SER A 554 -15.29 -17.81 -13.51
C SER A 554 -14.77 -18.00 -12.11
N ILE A 555 -15.40 -17.34 -11.13
CA ILE A 555 -14.90 -17.43 -9.77
C ILE A 555 -15.86 -17.82 -8.68
N SER A 556 -17.10 -18.15 -9.02
CA SER A 556 -18.07 -18.52 -7.99
C SER A 556 -18.19 -20.03 -7.88
N GLN A 557 -18.75 -20.48 -6.78
CA GLN A 557 -18.91 -21.90 -6.55
C GLN A 557 -19.93 -22.10 -5.42
N GLU A 558 -20.71 -23.17 -5.54
CA GLU A 558 -21.74 -23.45 -4.55
C GLU A 558 -21.27 -24.41 -3.46
N THR A 559 -21.24 -23.92 -2.22
CA THR A 559 -20.85 -24.72 -1.08
C THR A 559 -22.13 -25.16 -0.39
N PRO A 560 -22.03 -26.06 0.61
CA PRO A 560 -23.26 -26.49 1.29
C PRO A 560 -23.99 -25.36 2.02
N GLY A 561 -23.27 -24.29 2.37
CA GLY A 561 -23.89 -23.17 3.05
C GLY A 561 -24.44 -22.13 2.09
N GLY A 562 -24.15 -22.28 0.80
CA GLY A 562 -24.62 -21.31 -0.19
C GLY A 562 -23.51 -20.91 -1.15
N ARG A 563 -23.80 -19.99 -2.05
CA ARG A 563 -22.82 -19.57 -3.03
C ARG A 563 -21.74 -18.65 -2.46
N MET A 564 -20.51 -18.91 -2.89
CA MET A 564 -19.35 -18.13 -2.46
C MET A 564 -18.49 -17.74 -3.66
N TRP A 565 -17.57 -16.82 -3.45
CA TRP A 565 -16.71 -16.36 -4.53
C TRP A 565 -15.25 -16.27 -4.14
N HIS A 566 -14.39 -16.54 -5.13
CA HIS A 566 -12.96 -16.40 -4.95
C HIS A 566 -12.80 -14.90 -5.26
N ARG A 567 -11.64 -14.31 -4.96
CA ARG A 567 -11.47 -12.88 -5.25
C ARG A 567 -11.48 -12.61 -6.75
N TYR A 568 -10.64 -13.35 -7.46
CA TYR A 568 -10.51 -13.19 -8.90
C TYR A 568 -9.91 -14.44 -9.57
N THR A 569 -9.95 -14.46 -10.89
CA THR A 569 -9.45 -15.58 -11.65
C THR A 569 -7.95 -15.82 -11.44
N TYR A 570 -7.60 -17.09 -11.23
CA TYR A 570 -6.22 -17.53 -11.03
C TYR A 570 -5.57 -17.05 -9.75
N ASP A 571 -6.34 -16.39 -8.88
CA ASP A 571 -5.82 -15.89 -7.62
C ASP A 571 -5.03 -16.97 -6.91
N GLY A 572 -3.79 -16.67 -6.53
CA GLY A 572 -2.95 -17.65 -5.87
C GLY A 572 -2.69 -17.41 -4.39
N TYR A 573 -3.38 -16.45 -3.79
CA TYR A 573 -3.17 -16.12 -2.39
C TYR A 573 -3.91 -17.06 -1.43
N GLY A 574 -3.36 -18.25 -1.23
CA GLY A 574 -3.98 -19.23 -0.33
C GLY A 574 -3.13 -20.48 -0.24
N GLU A 575 -3.60 -21.50 0.48
CA GLU A 575 -2.84 -22.74 0.62
C GLU A 575 -2.42 -23.30 -0.74
N LYS A 576 -1.41 -24.15 -0.73
CA LYS A 576 -0.94 -24.79 -1.96
C LYS A 576 -1.81 -26.01 -2.24
N ALA A 577 -1.66 -26.59 -3.42
CA ALA A 577 -2.46 -27.75 -3.81
C ALA A 577 -2.40 -28.91 -2.83
N ASP A 578 -1.32 -29.00 -2.05
CA ASP A 578 -1.19 -30.09 -1.09
C ASP A 578 -1.73 -29.71 0.28
N GLY A 579 -2.31 -28.52 0.38
CA GLY A 579 -2.86 -28.06 1.66
C GLY A 579 -1.92 -27.26 2.54
N SER A 580 -0.64 -27.20 2.18
CA SER A 580 0.33 -26.47 2.98
C SER A 580 0.11 -24.96 2.89
N PRO A 581 0.50 -24.22 3.94
CA PRO A 581 0.33 -22.77 3.96
C PRO A 581 0.94 -22.03 2.77
N TRP A 582 0.36 -20.88 2.47
CA TRP A 582 0.84 -20.03 1.39
C TRP A 582 2.21 -19.51 1.84
N ASP A 583 3.17 -19.46 0.91
CA ASP A 583 4.51 -18.99 1.23
C ASP A 583 5.04 -18.06 0.16
N GLY A 584 4.13 -17.40 -0.55
CA GLY A 584 4.54 -16.52 -1.63
C GLY A 584 3.78 -16.93 -2.87
N THR A 585 3.41 -18.21 -2.92
CA THR A 585 2.62 -18.76 -4.01
C THR A 585 1.68 -19.81 -3.46
N GLY A 586 0.61 -20.08 -4.20
CA GLY A 586 -0.36 -21.08 -3.78
C GLY A 586 -1.63 -20.84 -4.56
N ILE A 587 -2.79 -21.15 -3.97
CA ILE A 587 -4.05 -20.94 -4.66
C ILE A 587 -5.11 -20.27 -3.75
N GLY A 588 -5.62 -19.13 -4.22
CA GLY A 588 -6.61 -18.38 -3.48
C GLY A 588 -7.87 -19.19 -3.23
N ARG A 589 -8.42 -19.08 -2.04
CA ARG A 589 -9.62 -19.82 -1.71
C ARG A 589 -10.86 -18.91 -1.71
N LEU A 590 -11.91 -19.36 -1.03
CA LEU A 590 -13.17 -18.63 -0.95
C LEU A 590 -13.17 -17.55 0.12
N TRP A 591 -13.68 -16.38 -0.24
CA TRP A 591 -13.75 -15.25 0.69
C TRP A 591 -15.21 -14.97 1.06
N PRO A 592 -15.67 -15.50 2.21
CA PRO A 592 -17.05 -15.29 2.65
C PRO A 592 -17.54 -13.85 2.62
N LEU A 593 -16.62 -12.89 2.78
CA LEU A 593 -17.03 -11.49 2.77
C LEU A 593 -17.60 -11.08 1.41
N LEU A 594 -17.21 -11.79 0.36
CA LEU A 594 -17.71 -11.48 -0.98
C LEU A 594 -19.19 -11.85 -1.11
N SER A 595 -19.64 -12.81 -0.31
CA SER A 595 -21.05 -13.19 -0.30
C SER A 595 -21.82 -12.02 0.31
N GLY A 596 -21.26 -11.45 1.38
CA GLY A 596 -21.89 -10.31 2.02
C GLY A 596 -21.99 -9.19 1.01
N GLU A 597 -20.95 -9.06 0.18
CA GLU A 597 -20.93 -8.03 -0.84
C GLU A 597 -22.01 -8.26 -1.89
N ARG A 598 -22.13 -9.51 -2.37
CA ARG A 598 -23.14 -9.80 -3.37
C ARG A 598 -24.52 -9.53 -2.75
N GLY A 599 -24.62 -9.82 -1.46
CA GLY A 599 -25.87 -9.60 -0.74
C GLY A 599 -26.29 -8.14 -0.68
N GLU A 600 -25.33 -7.23 -0.60
CA GLU A 600 -25.65 -5.80 -0.55
C GLU A 600 -26.12 -5.35 -1.91
N TYR A 601 -25.58 -5.98 -2.95
CA TYR A 601 -25.98 -5.65 -4.30
C TYR A 601 -27.41 -6.16 -4.53
N ALA A 602 -27.69 -7.37 -4.04
CA ALA A 602 -29.02 -7.93 -4.17
C ALA A 602 -30.01 -7.04 -3.42
N LEU A 603 -29.67 -6.72 -2.17
CA LEU A 603 -30.53 -5.88 -1.34
C LEU A 603 -30.83 -4.55 -2.01
N ALA A 604 -29.81 -3.94 -2.61
CA ALA A 604 -29.97 -2.65 -3.27
C ALA A 604 -30.99 -2.75 -4.40
N ASN A 605 -31.15 -3.95 -4.94
CA ASN A 605 -32.09 -4.20 -6.03
C ASN A 605 -33.42 -4.77 -5.51
N GLY A 606 -33.66 -4.61 -4.21
CA GLY A 606 -34.90 -5.08 -3.62
C GLY A 606 -35.07 -6.57 -3.40
N GLN A 607 -33.98 -7.32 -3.41
CA GLN A 607 -34.07 -8.76 -3.19
C GLN A 607 -33.83 -9.14 -1.74
N ASP A 608 -34.14 -10.39 -1.40
CA ASP A 608 -33.96 -10.91 -0.05
C ASP A 608 -32.47 -11.18 0.18
N ALA A 609 -31.86 -10.49 1.14
CA ALA A 609 -30.44 -10.68 1.43
C ALA A 609 -30.19 -11.69 2.55
N LEU A 610 -31.25 -12.12 3.21
CA LEU A 610 -31.11 -13.09 4.28
C LEU A 610 -30.27 -14.31 3.89
N PRO A 611 -30.50 -14.86 2.69
CA PRO A 611 -29.70 -16.03 2.32
C PRO A 611 -28.18 -15.78 2.28
N TYR A 612 -27.78 -14.56 1.96
CA TYR A 612 -26.35 -14.23 1.93
C TYR A 612 -25.80 -14.23 3.37
N LEU A 613 -26.63 -13.81 4.33
CA LEU A 613 -26.22 -13.80 5.72
C LEU A 613 -26.06 -15.26 6.15
N GLU A 614 -26.98 -16.11 5.68
CA GLU A 614 -26.94 -17.54 5.99
C GLU A 614 -25.61 -18.12 5.50
N THR A 615 -25.25 -17.76 4.28
CA THR A 615 -24.03 -18.24 3.67
C THR A 615 -22.81 -17.75 4.47
N MET A 616 -22.82 -16.48 4.84
CA MET A 616 -21.71 -15.93 5.61
C MET A 616 -21.57 -16.64 6.93
N HIS A 617 -22.69 -16.99 7.54
CA HIS A 617 -22.62 -17.67 8.82
C HIS A 617 -22.23 -19.14 8.73
N SER A 618 -22.43 -19.76 7.57
CA SER A 618 -22.06 -21.15 7.42
C SER A 618 -20.54 -21.30 7.36
N ALA A 619 -19.85 -20.17 7.19
CA ALA A 619 -18.39 -20.16 7.11
C ALA A 619 -17.77 -20.03 8.49
N ALA A 620 -18.59 -19.73 9.49
CA ALA A 620 -18.10 -19.55 10.85
C ALA A 620 -17.96 -20.87 11.59
N ASN A 621 -17.11 -20.88 12.61
CA ASN A 621 -16.91 -22.06 13.43
C ASN A 621 -17.86 -21.98 14.61
N ALA A 622 -17.79 -22.95 15.52
CA ALA A 622 -18.66 -22.97 16.69
C ALA A 622 -18.55 -21.68 17.51
N GLY A 623 -17.43 -21.00 17.37
CA GLY A 623 -17.22 -19.76 18.09
C GLY A 623 -17.81 -18.56 17.39
N TYR A 624 -18.33 -18.77 16.18
CA TYR A 624 -18.94 -17.71 15.36
C TYR A 624 -17.94 -16.77 14.70
N MET A 625 -16.69 -17.23 14.58
CA MET A 625 -15.64 -16.44 13.94
C MET A 625 -15.75 -16.53 12.41
N ILE A 626 -15.96 -15.41 11.73
CA ILE A 626 -16.02 -15.42 10.26
C ILE A 626 -14.59 -15.21 9.76
N PRO A 627 -14.09 -16.14 8.94
CA PRO A 627 -12.72 -16.01 8.42
C PRO A 627 -12.58 -15.27 7.10
N GLU A 628 -11.34 -14.94 6.79
CA GLU A 628 -11.02 -14.28 5.54
C GLU A 628 -11.27 -15.31 4.44
N GLN A 629 -10.92 -16.57 4.71
CA GLN A 629 -11.07 -17.63 3.73
C GLN A 629 -11.56 -18.98 4.26
N VAL A 630 -12.24 -19.72 3.39
CA VAL A 630 -12.70 -21.06 3.72
C VAL A 630 -12.23 -21.95 2.57
N TRP A 631 -11.93 -23.21 2.90
CA TRP A 631 -11.46 -24.20 1.94
C TRP A 631 -12.51 -24.39 0.83
N ASP A 632 -12.07 -24.68 -0.39
CA ASP A 632 -12.99 -24.82 -1.51
C ASP A 632 -12.96 -26.18 -2.20
N ARG A 633 -12.27 -27.17 -1.62
CA ARG A 633 -12.18 -28.49 -2.22
C ARG A 633 -12.81 -29.56 -1.35
N ASP A 634 -13.33 -30.60 -1.98
CA ASP A 634 -13.96 -31.71 -1.25
C ASP A 634 -12.89 -32.54 -0.56
N GLU A 635 -11.69 -32.51 -1.11
CA GLU A 635 -10.61 -33.29 -0.54
C GLU A 635 -9.88 -32.57 0.58
N PRO A 636 -9.77 -33.24 1.74
CA PRO A 636 -9.09 -32.65 2.89
C PRO A 636 -7.66 -33.15 2.68
N THR A 637 -6.73 -32.24 2.39
CA THR A 637 -5.36 -32.69 2.18
C THR A 637 -4.85 -33.35 3.46
N SER A 638 -3.53 -33.52 3.56
CA SER A 638 -2.96 -34.13 4.77
C SER A 638 -3.26 -33.22 5.95
N TYR A 639 -3.62 -31.98 5.67
CA TYR A 639 -3.97 -31.05 6.74
C TYR A 639 -5.46 -31.26 6.93
N GLY A 640 -6.02 -30.82 8.05
CA GLY A 640 -7.44 -31.07 8.26
C GLY A 640 -8.41 -30.10 7.63
N HIS A 641 -8.21 -29.76 6.36
CA HIS A 641 -9.08 -28.82 5.66
C HIS A 641 -10.50 -29.35 5.40
N GLU A 642 -11.49 -28.50 5.64
CA GLU A 642 -12.90 -28.84 5.46
C GLU A 642 -13.56 -27.84 4.53
N LEU A 643 -14.34 -28.33 3.57
CA LEU A 643 -15.03 -27.45 2.63
C LEU A 643 -15.91 -26.48 3.40
N GLY A 644 -15.83 -25.19 3.06
CA GLY A 644 -16.64 -24.20 3.72
C GLY A 644 -16.17 -23.79 5.10
N ARG A 645 -15.08 -24.39 5.57
CA ARG A 645 -14.54 -24.04 6.88
C ARG A 645 -13.29 -23.18 6.72
N SER A 646 -12.96 -22.44 7.78
CA SER A 646 -11.81 -21.55 7.77
C SER A 646 -10.48 -22.18 7.38
N THR A 647 -9.69 -21.42 6.62
CA THR A 647 -8.38 -21.88 6.19
C THR A 647 -7.33 -21.44 7.23
N GLY A 648 -6.07 -21.42 6.81
CA GLY A 648 -5.00 -21.04 7.71
C GLY A 648 -4.79 -19.55 7.84
N SER A 649 -5.50 -18.75 7.05
CA SER A 649 -5.34 -17.31 7.16
C SER A 649 -6.20 -16.73 8.28
N ALA A 650 -6.29 -15.41 8.30
CA ALA A 650 -7.03 -14.69 9.32
C ALA A 650 -8.48 -15.09 9.59
N SER A 651 -8.76 -15.32 10.86
CA SER A 651 -10.09 -15.66 11.33
C SER A 651 -10.04 -15.46 12.83
N PRO A 652 -10.81 -14.50 13.34
CA PRO A 652 -11.69 -13.64 12.56
C PRO A 652 -11.06 -12.48 11.80
N LEU A 653 -11.65 -12.18 10.64
CA LEU A 653 -11.21 -11.03 9.85
C LEU A 653 -12.24 -9.97 10.23
N SER A 654 -11.81 -8.91 10.89
CA SER A 654 -12.73 -7.85 11.30
C SER A 654 -13.61 -7.47 10.12
N TRP A 655 -12.99 -7.33 8.96
CA TRP A 655 -13.68 -6.97 7.73
C TRP A 655 -14.84 -7.92 7.40
N ALA A 656 -14.60 -9.23 7.52
CA ALA A 656 -15.67 -10.19 7.22
C ALA A 656 -16.73 -10.10 8.30
N MET A 657 -16.29 -9.89 9.52
CA MET A 657 -17.19 -9.78 10.66
C MET A 657 -18.06 -8.55 10.43
N ALA A 658 -17.39 -7.47 10.03
CA ALA A 658 -18.03 -6.20 9.76
C ALA A 658 -19.04 -6.32 8.61
N GLN A 659 -18.65 -7.01 7.54
CA GLN A 659 -19.51 -7.17 6.38
C GLN A 659 -20.79 -7.92 6.75
N TYR A 660 -20.72 -8.77 7.77
CA TYR A 660 -21.91 -9.51 8.19
C TYR A 660 -22.87 -8.57 8.91
N VAL A 661 -22.33 -7.77 9.83
CA VAL A 661 -23.13 -6.81 10.58
C VAL A 661 -23.73 -5.74 9.66
N ARG A 662 -22.91 -5.23 8.75
CA ARG A 662 -23.35 -4.17 7.84
C ARG A 662 -24.48 -4.64 6.93
N LEU A 663 -24.42 -5.88 6.47
CA LEU A 663 -25.46 -6.40 5.60
C LEU A 663 -26.71 -6.59 6.45
N ALA A 664 -26.55 -7.16 7.64
CA ALA A 664 -27.67 -7.38 8.53
C ALA A 664 -28.43 -6.07 8.72
N ALA A 665 -27.70 -4.99 8.96
CA ALA A 665 -28.32 -3.68 9.15
C ALA A 665 -29.03 -3.26 7.86
N GLY A 666 -28.41 -3.56 6.72
CA GLY A 666 -29.02 -3.23 5.45
C GLY A 666 -30.36 -3.91 5.30
N VAL A 667 -30.44 -5.16 5.77
CA VAL A 667 -31.67 -5.94 5.70
C VAL A 667 -32.78 -5.26 6.49
N LYS A 668 -32.45 -4.75 7.67
CA LYS A 668 -33.43 -4.08 8.50
C LYS A 668 -33.94 -2.78 7.88
N ALA A 669 -33.03 -2.05 7.22
CA ALA A 669 -33.37 -0.78 6.58
C ALA A 669 -34.01 -0.96 5.21
N GLY A 670 -33.74 -2.09 4.56
CA GLY A 670 -34.29 -2.32 3.25
C GLY A 670 -33.40 -1.85 2.12
N ALA A 671 -32.21 -1.37 2.47
CA ALA A 671 -31.24 -0.87 1.49
C ALA A 671 -29.87 -0.74 2.17
N PRO A 672 -28.77 -0.91 1.41
CA PRO A 672 -27.48 -0.78 2.09
C PRO A 672 -27.42 0.54 2.85
N VAL A 673 -27.10 0.45 4.13
CA VAL A 673 -27.08 1.62 5.00
C VAL A 673 -25.86 2.53 4.93
N GLU A 674 -24.75 2.04 4.39
CA GLU A 674 -23.53 2.86 4.30
C GLU A 674 -23.36 3.56 2.95
N THR A 675 -24.24 3.30 2.01
CA THR A 675 -24.14 3.94 0.70
C THR A 675 -24.23 5.45 0.87
N PRO A 676 -23.24 6.19 0.33
CA PRO A 676 -23.27 7.65 0.46
C PRO A 676 -24.42 8.27 -0.32
N GLN A 677 -25.41 8.75 0.44
CA GLN A 677 -26.62 9.37 -0.09
C GLN A 677 -26.38 10.50 -1.07
N ASN A 678 -25.46 11.40 -0.74
CA ASN A 678 -25.20 12.52 -1.64
C ASN A 678 -24.54 12.05 -2.94
N VAL A 679 -23.82 10.93 -2.89
CA VAL A 679 -23.19 10.38 -4.08
C VAL A 679 -24.21 9.64 -4.96
N ALA A 680 -25.06 8.84 -4.32
CA ALA A 680 -26.09 8.08 -5.04
C ALA A 680 -27.12 9.03 -5.66
N ALA A 681 -27.36 10.15 -4.99
CA ALA A 681 -28.33 11.12 -5.50
C ALA A 681 -27.87 11.64 -6.85
N ARG A 682 -26.55 11.71 -7.03
CA ARG A 682 -26.03 12.22 -8.27
C ARG A 682 -25.85 11.17 -9.35
N TYR A 683 -25.46 9.96 -8.97
CA TYR A 683 -25.21 8.92 -9.96
C TYR A 683 -26.18 7.73 -10.02
N ALA A 684 -26.79 7.37 -8.90
CA ALA A 684 -27.66 6.22 -8.88
C ALA A 684 -29.15 6.52 -8.91
N ALA A 685 -29.50 7.79 -8.94
CA ALA A 685 -30.90 8.17 -8.97
C ALA A 685 -31.42 8.12 -10.41
N GLY A 686 -32.56 8.75 -10.64
CA GLY A 686 -33.12 8.75 -11.99
C GLY A 686 -32.41 9.64 -13.01
N THR A 687 -33.12 10.67 -13.44
CA THR A 687 -32.65 11.62 -14.44
C THR A 687 -31.15 11.95 -14.40
N PRO A 688 -30.48 11.83 -15.55
CA PRO A 688 -29.05 12.10 -15.69
C PRO A 688 -28.87 13.59 -15.93
N LEU A 689 -27.62 14.03 -16.04
CA LEU A 689 -27.33 15.44 -16.27
C LEU A 689 -26.61 15.66 -17.58
N SER A 690 -26.78 16.86 -18.13
CA SER A 690 -26.14 17.22 -19.38
C SER A 690 -24.66 17.39 -19.11
N SER A 691 -23.83 17.17 -20.13
CA SER A 691 -22.40 17.39 -19.97
C SER A 691 -22.09 18.55 -20.89
N PRO A 692 -21.65 19.68 -20.31
CA PRO A 692 -21.32 20.84 -21.13
C PRO A 692 -20.16 20.58 -22.07
N GLU A 693 -20.11 21.31 -23.17
CA GLU A 693 -19.01 21.15 -24.12
C GLU A 693 -17.84 21.92 -23.53
N LEU A 694 -16.64 21.41 -23.70
CA LEU A 694 -15.46 22.07 -23.17
C LEU A 694 -14.26 21.78 -24.04
N SER A 695 -13.67 22.85 -24.57
CA SER A 695 -12.51 22.73 -25.43
C SER A 695 -11.39 23.67 -25.02
N VAL A 696 -10.34 23.11 -24.41
CA VAL A 696 -9.19 23.90 -23.98
C VAL A 696 -8.18 23.96 -25.13
N THR A 697 -8.03 25.12 -25.76
CA THR A 697 -7.13 25.26 -26.90
C THR A 697 -5.67 25.47 -26.52
N ALA A 698 -5.44 25.92 -25.29
CA ALA A 698 -4.08 26.14 -24.82
C ALA A 698 -4.09 26.10 -23.30
N PRO A 699 -3.05 25.50 -22.70
CA PRO A 699 -1.90 24.87 -23.35
C PRO A 699 -2.20 23.48 -23.91
N GLU A 700 -1.15 22.80 -24.35
CA GLU A 700 -1.28 21.44 -24.86
C GLU A 700 -1.17 20.49 -23.68
N ALA A 701 -1.35 19.19 -23.94
CA ALA A 701 -1.27 18.19 -22.89
C ALA A 701 -0.03 18.37 -22.00
N LEU A 702 1.10 18.67 -22.62
CA LEU A 702 2.34 18.88 -21.88
C LEU A 702 3.10 20.05 -22.47
N SER A 703 3.58 20.94 -21.61
CA SER A 703 4.32 22.09 -22.09
C SER A 703 5.16 22.68 -20.96
N THR A 704 6.00 23.64 -21.32
CA THR A 704 6.85 24.34 -20.37
C THR A 704 6.46 25.80 -20.47
N ALA A 705 6.16 26.42 -19.34
CA ALA A 705 5.77 27.81 -19.31
C ALA A 705 6.95 28.72 -19.57
N ASP A 706 6.65 29.98 -19.91
CA ASP A 706 7.67 30.98 -20.17
C ASP A 706 7.75 31.96 -19.02
N SER A 707 6.87 31.78 -18.03
CA SER A 707 6.84 32.64 -16.86
C SER A 707 6.13 31.94 -15.71
N ALA A 708 5.87 32.69 -14.63
CA ALA A 708 5.20 32.14 -13.45
C ALA A 708 3.70 32.01 -13.64
N THR A 709 3.24 32.29 -14.87
CA THR A 709 1.82 32.16 -15.18
C THR A 709 1.71 31.49 -16.53
N ALA A 710 0.60 30.82 -16.77
CA ALA A 710 0.37 30.15 -18.04
C ALA A 710 -1.01 30.51 -18.53
N VAL A 711 -1.10 30.69 -19.85
CA VAL A 711 -2.37 31.01 -20.49
C VAL A 711 -3.20 29.74 -20.63
N VAL A 712 -4.37 29.73 -20.00
CA VAL A 712 -5.29 28.60 -20.09
C VAL A 712 -6.57 29.17 -20.72
N ARG A 713 -6.87 28.74 -21.93
CA ARG A 713 -8.04 29.27 -22.61
C ARG A 713 -8.77 28.25 -23.48
N GLY A 714 -9.93 28.66 -23.97
CA GLY A 714 -10.71 27.76 -24.82
C GLY A 714 -12.17 28.15 -24.94
N THR A 715 -12.96 27.17 -25.34
CA THR A 715 -14.39 27.35 -25.55
C THR A 715 -15.22 26.45 -24.62
N THR A 716 -16.48 26.81 -24.45
CA THR A 716 -17.39 26.03 -23.62
C THR A 716 -18.78 26.64 -23.68
N ASN A 717 -19.79 25.85 -23.35
CA ASN A 717 -21.16 26.36 -23.32
C ASN A 717 -21.62 26.25 -21.85
N ALA A 718 -20.65 26.04 -20.96
CA ALA A 718 -20.94 25.94 -19.54
C ALA A 718 -21.20 27.33 -18.95
N ALA A 719 -21.77 27.37 -17.75
CA ALA A 719 -22.06 28.65 -17.10
C ALA A 719 -20.78 29.18 -16.45
N LYS A 720 -20.01 28.31 -15.82
CA LYS A 720 -18.78 28.69 -15.15
C LYS A 720 -17.60 27.79 -15.47
N VAL A 721 -16.41 28.35 -15.31
CA VAL A 721 -15.18 27.61 -15.55
C VAL A 721 -14.18 27.91 -14.44
N TYR A 722 -13.52 26.88 -13.96
CA TYR A 722 -12.52 27.03 -12.92
C TYR A 722 -11.22 26.37 -13.38
N VAL A 723 -10.12 27.10 -13.27
CA VAL A 723 -8.81 26.57 -13.64
C VAL A 723 -8.07 26.38 -12.33
N SER A 724 -7.64 25.14 -12.08
CA SER A 724 -6.95 24.84 -10.84
C SER A 724 -5.60 24.19 -11.08
N VAL A 725 -4.60 24.66 -10.35
CA VAL A 725 -3.25 24.15 -10.47
C VAL A 725 -2.79 23.61 -9.13
N ASN A 726 -2.45 22.33 -9.10
CA ASN A 726 -1.98 21.68 -7.87
C ASN A 726 -2.86 21.96 -6.64
N GLY A 727 -4.17 22.02 -6.83
CA GLY A 727 -5.06 22.26 -5.70
C GLY A 727 -5.47 23.70 -5.46
N THR A 728 -4.95 24.61 -6.28
CA THR A 728 -5.30 26.02 -6.15
C THR A 728 -6.17 26.41 -7.34
N ALA A 729 -7.45 26.67 -7.07
CA ALA A 729 -8.39 27.01 -8.13
C ALA A 729 -8.69 28.50 -8.22
N THR A 730 -8.89 28.96 -9.44
CA THR A 730 -9.23 30.36 -9.68
C THR A 730 -10.22 30.33 -10.83
N GLU A 731 -11.32 31.05 -10.67
CA GLU A 731 -12.35 31.08 -11.69
C GLU A 731 -11.91 31.78 -12.95
N ALA A 732 -12.45 31.33 -14.08
CA ALA A 732 -12.16 31.92 -15.38
C ALA A 732 -13.49 32.43 -15.85
N PRO A 733 -13.63 33.76 -15.95
CA PRO A 733 -14.93 34.29 -16.41
C PRO A 733 -15.22 33.90 -17.85
N VAL A 734 -16.42 33.39 -18.07
CA VAL A 734 -16.84 32.98 -19.40
C VAL A 734 -17.51 34.14 -20.13
N THR A 735 -17.00 34.46 -21.32
CA THR A 735 -17.54 35.54 -22.12
C THR A 735 -17.97 34.99 -23.48
N ASP A 736 -19.27 34.95 -23.71
CA ASP A 736 -19.80 34.44 -24.97
C ASP A 736 -19.17 33.10 -25.38
N GLY A 737 -19.25 32.12 -24.48
CA GLY A 737 -18.73 30.80 -24.77
C GLY A 737 -17.22 30.63 -24.80
N THR A 738 -16.47 31.66 -24.45
CA THR A 738 -15.02 31.54 -24.46
C THR A 738 -14.46 31.97 -23.11
N PHE A 739 -13.25 31.54 -22.82
CA PHE A 739 -12.59 31.91 -21.58
C PHE A 739 -11.08 32.00 -21.84
N SER A 740 -10.37 32.72 -20.97
CA SER A 740 -8.93 32.87 -21.12
C SER A 740 -8.39 33.42 -19.81
N LEU A 741 -7.48 32.66 -19.19
CA LEU A 741 -6.93 33.06 -17.91
C LEU A 741 -5.44 32.81 -17.79
N ASP A 742 -4.73 33.77 -17.22
CA ASP A 742 -3.30 33.63 -16.98
C ASP A 742 -3.26 33.11 -15.55
N VAL A 743 -3.04 31.83 -15.37
CA VAL A 743 -3.04 31.28 -14.03
C VAL A 743 -1.63 31.17 -13.43
N ALA A 744 -1.55 31.36 -12.12
CA ALA A 744 -0.27 31.29 -11.41
C ALA A 744 0.24 29.86 -11.28
N LEU A 745 1.51 29.67 -11.59
CA LEU A 745 2.13 28.34 -11.48
C LEU A 745 2.69 28.25 -10.07
N THR A 746 2.44 27.13 -9.39
CA THR A 746 2.90 26.97 -8.01
C THR A 746 4.06 26.00 -7.80
N GLY A 747 4.41 25.20 -8.80
CA GLY A 747 5.50 24.26 -8.63
C GLY A 747 6.31 23.99 -9.88
N ALA A 748 7.30 23.11 -9.77
CA ALA A 748 8.15 22.75 -10.89
C ALA A 748 7.29 22.01 -11.91
N LYS A 749 6.36 21.22 -11.39
CA LYS A 749 5.44 20.46 -12.23
C LYS A 749 4.04 20.90 -11.81
N ASN A 750 3.29 21.41 -12.77
CA ASN A 750 1.95 21.91 -12.50
C ASN A 750 0.84 21.12 -13.16
N LYS A 751 0.03 20.44 -12.33
CA LYS A 751 -1.10 19.66 -12.80
C LYS A 751 -2.25 20.67 -12.86
N VAL A 752 -2.67 21.04 -14.06
CA VAL A 752 -3.74 22.01 -14.24
C VAL A 752 -5.07 21.38 -14.64
N THR A 753 -6.06 21.48 -13.77
CA THR A 753 -7.38 20.92 -14.04
C THR A 753 -8.38 22.01 -14.41
N VAL A 754 -9.05 21.83 -15.54
CA VAL A 754 -10.05 22.80 -15.99
C VAL A 754 -11.44 22.20 -15.85
N ALA A 755 -12.25 22.76 -14.96
CA ALA A 755 -13.61 22.24 -14.75
C ALA A 755 -14.66 23.22 -15.27
N ALA A 756 -15.54 22.73 -16.13
CA ALA A 756 -16.61 23.55 -16.68
C ALA A 756 -17.91 23.08 -16.04
N VAL A 757 -18.68 24.02 -15.49
CA VAL A 757 -19.93 23.68 -14.83
C VAL A 757 -21.13 24.33 -15.49
N ALA A 758 -22.07 23.50 -15.91
CA ALA A 758 -23.29 23.97 -16.58
C ALA A 758 -24.28 24.51 -15.56
N ALA A 759 -25.24 25.27 -16.03
CA ALA A 759 -26.26 25.86 -15.15
C ALA A 759 -27.06 24.79 -14.43
N ASP A 760 -27.16 23.60 -15.00
CA ASP A 760 -27.91 22.52 -14.37
C ASP A 760 -27.06 21.59 -13.52
N GLY A 761 -25.77 21.87 -13.41
CA GLY A 761 -24.91 21.02 -12.59
C GLY A 761 -23.99 20.05 -13.30
N GLY A 762 -24.24 19.80 -14.58
CA GLY A 762 -23.38 18.88 -15.33
C GLY A 762 -21.98 19.46 -15.47
N THR A 763 -20.98 18.59 -15.62
CA THR A 763 -19.61 19.06 -15.74
C THR A 763 -18.81 18.41 -16.85
N ALA A 764 -17.71 19.07 -17.20
CA ALA A 764 -16.76 18.59 -18.20
C ALA A 764 -15.40 18.94 -17.59
N VAL A 765 -14.38 18.17 -17.92
CA VAL A 765 -13.06 18.43 -17.35
C VAL A 765 -11.96 18.20 -18.38
N GLU A 766 -10.83 18.87 -18.18
CA GLU A 766 -9.66 18.75 -19.04
C GLU A 766 -8.43 18.91 -18.14
N ASP A 767 -7.41 18.09 -18.38
CA ASP A 767 -6.18 18.14 -17.60
C ASP A 767 -5.02 18.50 -18.51
N ARG A 768 -4.10 19.29 -17.97
CA ARG A 768 -2.92 19.73 -18.69
C ARG A 768 -1.77 19.75 -17.71
N THR A 769 -0.57 19.47 -18.20
CA THR A 769 0.61 19.49 -17.34
C THR A 769 1.54 20.58 -17.85
N VAL A 770 1.93 21.48 -16.95
CA VAL A 770 2.83 22.58 -17.29
C VAL A 770 4.11 22.53 -16.46
N LEU A 771 5.24 22.41 -17.15
CA LEU A 771 6.54 22.38 -16.49
C LEU A 771 7.02 23.83 -16.31
N TYR A 772 7.60 24.12 -15.16
CA TYR A 772 8.04 25.49 -14.90
C TYR A 772 9.46 25.57 -14.33
N TYR A 773 10.29 26.39 -14.98
CA TYR A 773 11.67 26.59 -14.54
C TYR A 773 11.96 28.05 -14.23
N GLY A 774 10.99 28.92 -14.54
CA GLY A 774 11.15 30.33 -14.28
C GLY A 774 10.85 31.13 -15.53
N SER A 775 11.21 32.40 -15.53
CA SER A 775 10.99 33.26 -16.69
C SER A 775 11.95 32.84 -17.80
N ARG A 776 11.41 32.64 -18.99
CA ARG A 776 12.21 32.23 -20.13
C ARG A 776 13.04 33.39 -20.70
N ILE A 777 14.36 33.26 -20.64
CA ILE A 777 15.25 34.29 -21.15
C ILE A 777 15.17 34.32 -22.68
N GLY A 778 15.24 33.14 -23.28
CA GLY A 778 15.19 33.02 -24.73
C GLY A 778 15.31 31.57 -25.15
N ALA A 779 15.22 31.30 -26.44
CA ALA A 779 15.33 29.93 -26.91
C ALA A 779 15.98 29.78 -28.27
N LEU A 780 16.40 28.54 -28.55
CA LEU A 780 17.01 28.17 -29.82
C LEU A 780 16.31 26.89 -30.23
N SER A 781 16.01 26.76 -31.52
CA SER A 781 15.34 25.57 -31.99
C SER A 781 16.26 24.78 -32.91
N ASP A 782 15.93 23.51 -33.12
CA ASP A 782 16.72 22.65 -33.98
C ASP A 782 15.85 21.50 -34.49
N PRO A 783 15.94 21.21 -35.79
CA PRO A 783 15.15 20.13 -36.40
C PRO A 783 15.49 18.74 -35.89
N ALA A 784 14.50 17.85 -35.93
CA ALA A 784 14.66 16.47 -35.49
C ALA A 784 15.23 15.66 -36.65
N GLY A 785 15.76 14.48 -36.33
CA GLY A 785 16.34 13.63 -37.37
C GLY A 785 17.53 14.34 -37.98
N ASP A 786 18.24 15.06 -37.12
CA ASP A 786 19.41 15.85 -37.52
C ASP A 786 20.69 15.28 -36.91
N ASP A 787 20.54 14.24 -36.10
CA ASP A 787 21.65 13.60 -35.40
C ASP A 787 22.61 12.74 -36.23
N ASN A 788 23.08 13.29 -37.35
CA ASN A 788 24.02 12.56 -38.19
C ASN A 788 25.20 13.44 -38.62
N GLY A 789 25.61 14.34 -37.73
CA GLY A 789 26.73 15.22 -38.03
C GLY A 789 26.58 15.93 -39.36
N PRO A 790 27.61 15.89 -40.22
CA PRO A 790 27.49 16.55 -41.52
C PRO A 790 26.44 15.88 -42.39
N GLY A 791 25.96 14.72 -41.93
CA GLY A 791 24.95 13.98 -42.65
C GLY A 791 25.38 12.57 -42.97
N THR A 792 26.50 12.14 -42.38
CA THR A 792 27.03 10.80 -42.65
C THR A 792 27.41 10.02 -41.40
N TYR A 793 27.12 10.57 -40.23
CA TYR A 793 27.45 9.90 -38.97
C TYR A 793 26.44 8.82 -38.59
N ARG A 794 26.92 7.79 -37.88
CA ARG A 794 26.05 6.70 -37.46
C ARG A 794 26.21 6.41 -35.97
N TYR A 795 25.11 6.06 -35.32
CA TYR A 795 25.11 5.74 -33.91
C TYR A 795 25.78 4.39 -33.68
N PRO A 796 26.44 4.21 -32.53
CA PRO A 796 27.07 2.90 -32.29
C PRO A 796 25.96 1.86 -32.12
N THR A 797 26.06 0.77 -32.85
CA THR A 797 25.08 -0.31 -32.85
C THR A 797 24.50 -0.76 -31.52
N ASN A 798 25.29 -0.73 -30.44
CA ASN A 798 24.78 -1.17 -29.14
C ASN A 798 23.41 -0.60 -28.83
N SER A 799 22.57 -1.42 -28.20
CA SER A 799 21.20 -1.03 -27.86
C SER A 799 21.11 0.24 -27.02
N ALA A 800 21.92 0.33 -25.98
CA ALA A 800 21.93 1.49 -25.09
C ALA A 800 21.77 2.82 -25.83
N TYR A 801 22.28 2.88 -27.04
CA TYR A 801 22.18 4.11 -27.82
C TYR A 801 20.86 4.21 -28.57
N VAL A 802 19.82 4.49 -27.79
CA VAL A 802 18.45 4.63 -28.30
C VAL A 802 18.44 5.69 -29.40
N PRO A 803 17.56 5.54 -30.41
CA PRO A 803 17.52 6.54 -31.47
C PRO A 803 17.14 7.93 -30.98
N GLY A 804 17.75 8.95 -31.59
CA GLY A 804 17.46 10.33 -31.22
C GLY A 804 18.15 10.81 -29.95
N ALA A 805 18.93 9.94 -29.32
CA ALA A 805 19.63 10.29 -28.08
C ALA A 805 20.55 11.50 -28.23
N PHE A 806 21.11 11.67 -29.42
CA PHE A 806 22.03 12.78 -29.69
C PHE A 806 21.41 13.78 -30.67
N ASP A 807 20.08 13.80 -30.71
CA ASP A 807 19.36 14.68 -31.61
C ASP A 807 18.67 15.83 -30.87
N LEU A 808 19.35 16.96 -30.74
CA LEU A 808 18.78 18.13 -30.06
C LEU A 808 17.62 18.66 -30.88
N THR A 809 16.58 19.12 -30.19
CA THR A 809 15.41 19.69 -30.86
C THR A 809 15.22 21.12 -30.39
N GLY A 810 15.89 21.47 -29.31
CA GLY A 810 15.79 22.82 -28.80
C GLY A 810 16.60 23.09 -27.55
N VAL A 811 16.81 24.37 -27.26
CA VAL A 811 17.54 24.80 -26.08
C VAL A 811 16.79 26.01 -25.51
N ASP A 812 16.40 25.92 -24.25
CA ASP A 812 15.68 27.02 -23.62
C ASP A 812 16.35 27.43 -22.31
N VAL A 813 16.56 28.73 -22.15
CA VAL A 813 17.20 29.23 -20.95
C VAL A 813 16.22 30.01 -20.09
N TYR A 814 16.16 29.65 -18.82
CA TYR A 814 15.23 30.31 -17.90
C TYR A 814 15.91 30.93 -16.70
N ASP A 815 15.35 32.04 -16.24
CA ASP A 815 15.87 32.73 -15.07
C ASP A 815 15.23 31.99 -13.90
N ALA A 816 16.03 31.17 -13.22
CA ALA A 816 15.54 30.38 -12.10
C ALA A 816 16.00 30.90 -10.74
N GLY A 817 15.68 32.16 -10.44
CA GLY A 817 16.07 32.73 -9.17
C GLY A 817 17.56 32.90 -8.98
N ASP A 818 18.18 31.97 -8.25
CA ASP A 818 19.62 32.02 -8.00
C ASP A 818 20.38 31.34 -9.11
N ASP A 819 19.67 30.59 -9.94
CA ASP A 819 20.31 29.88 -11.03
C ASP A 819 19.68 30.19 -12.36
N TYR A 820 20.34 29.69 -13.40
CA TYR A 820 19.86 29.82 -14.77
C TYR A 820 19.57 28.38 -15.11
N ALA A 821 18.41 28.12 -15.70
CA ALA A 821 18.09 26.76 -16.07
C ALA A 821 18.27 26.60 -17.56
N PHE A 822 19.30 25.85 -17.95
CA PHE A 822 19.55 25.60 -19.36
C PHE A 822 18.89 24.27 -19.68
N VAL A 823 17.78 24.32 -20.38
CA VAL A 823 17.03 23.13 -20.73
C VAL A 823 17.26 22.69 -22.17
N ALA A 824 17.77 21.49 -22.32
CA ALA A 824 18.02 20.92 -23.64
C ALA A 824 16.97 19.86 -23.90
N THR A 825 16.35 19.94 -25.07
CA THR A 825 15.32 18.98 -25.44
C THR A 825 15.82 18.12 -26.58
N ILE A 826 15.60 16.81 -26.48
CA ILE A 826 16.02 15.89 -27.53
C ILE A 826 14.82 15.18 -28.13
N ALA A 827 15.02 14.55 -29.28
CA ALA A 827 13.94 13.82 -29.95
C ALA A 827 13.80 12.44 -29.33
N GLY A 828 14.94 11.80 -29.06
CA GLY A 828 14.94 10.49 -28.47
C GLY A 828 14.67 10.47 -26.98
N GLU A 829 14.34 9.30 -26.47
CA GLU A 829 14.06 9.10 -25.06
C GLU A 829 15.29 9.45 -24.26
N VAL A 830 15.09 10.01 -23.07
CA VAL A 830 16.19 10.38 -22.20
C VAL A 830 16.52 9.21 -21.26
N THR A 831 17.57 8.47 -21.60
CA THR A 831 17.98 7.31 -20.81
C THR A 831 19.11 7.60 -19.83
N ASN A 832 19.33 6.65 -18.92
CA ASN A 832 20.39 6.75 -17.93
C ASN A 832 20.73 5.36 -17.40
N PRO A 833 21.14 4.43 -18.29
CA PRO A 833 21.50 3.06 -17.91
C PRO A 833 22.83 2.87 -17.19
N TRP A 834 23.90 3.43 -17.76
CA TRP A 834 25.24 3.30 -17.17
C TRP A 834 25.35 3.96 -15.80
N GLY A 835 24.22 4.20 -15.16
CA GLY A 835 24.20 4.79 -13.84
C GLY A 835 25.00 6.08 -13.71
N GLY A 836 24.39 7.19 -14.07
CA GLY A 836 25.05 8.49 -13.97
C GLY A 836 24.07 9.52 -13.47
N GLN A 837 24.53 10.76 -13.29
CA GLN A 837 23.64 11.81 -12.82
C GLN A 837 22.69 12.22 -13.94
N ALA A 838 21.44 11.76 -13.85
CA ALA A 838 20.42 12.06 -14.84
C ALA A 838 20.63 11.39 -16.20
N ILE A 839 21.80 11.61 -16.81
CA ILE A 839 22.09 11.02 -18.11
C ILE A 839 23.39 10.22 -18.13
N SER A 840 23.62 9.51 -19.23
CA SER A 840 24.83 8.70 -19.36
C SER A 840 25.56 8.91 -20.67
N HIS A 841 24.81 8.99 -21.76
CA HIS A 841 25.39 9.14 -23.09
C HIS A 841 25.65 10.53 -23.64
N GLN A 842 24.73 11.47 -23.39
CA GLN A 842 24.89 12.82 -23.92
C GLN A 842 25.97 13.69 -23.29
N ARG A 843 26.67 14.43 -24.16
CA ARG A 843 27.68 15.38 -23.72
C ARG A 843 27.48 16.60 -24.59
N VAL A 844 26.63 17.51 -24.12
CA VAL A 844 26.38 18.72 -24.87
C VAL A 844 27.23 19.86 -24.35
N ASN A 845 27.63 20.74 -25.27
CA ASN A 845 28.46 21.89 -24.93
C ASN A 845 27.73 23.15 -25.36
N ILE A 846 27.75 24.15 -24.50
CA ILE A 846 27.15 25.44 -24.78
C ILE A 846 28.17 26.53 -24.47
N TYR A 847 28.86 26.96 -25.52
CA TYR A 847 29.89 27.99 -25.41
C TYR A 847 29.26 29.37 -25.35
N LEU A 848 29.47 30.08 -24.24
CA LEU A 848 28.90 31.41 -24.06
C LEU A 848 29.90 32.55 -24.29
N GLY A 849 29.48 33.55 -25.04
CA GLY A 849 30.36 34.67 -25.32
C GLY A 849 29.58 35.92 -25.70
N LYS A 850 30.21 36.80 -26.47
CA LYS A 850 29.59 38.04 -26.90
C LYS A 850 29.86 38.33 -28.37
N GLY A 851 30.18 37.28 -29.14
CA GLY A 851 30.44 37.46 -30.55
C GLY A 851 31.65 38.32 -30.87
N GLU A 852 32.71 38.17 -30.08
CA GLU A 852 33.93 38.93 -30.31
C GLU A 852 34.98 38.05 -30.96
N GLY A 853 35.89 38.68 -31.70
CA GLY A 853 36.95 37.93 -32.36
C GLY A 853 36.43 37.08 -33.49
N GLY A 854 37.14 35.99 -33.78
CA GLY A 854 36.76 35.08 -34.84
C GLY A 854 36.85 33.62 -34.42
N ALA A 855 37.12 32.72 -35.36
CA ALA A 855 37.21 31.30 -35.07
C ALA A 855 38.01 31.01 -33.80
N THR A 856 37.40 30.25 -32.90
CA THR A 856 38.02 29.89 -31.63
C THR A 856 37.74 28.42 -31.33
N PRO A 857 38.78 27.65 -31.02
CA PRO A 857 38.64 26.22 -30.72
C PRO A 857 37.75 25.90 -29.52
N GLY A 858 37.00 24.81 -29.63
CA GLY A 858 36.14 24.40 -28.53
C GLY A 858 36.98 23.59 -27.56
N LEU A 859 36.33 22.72 -26.79
CA LEU A 859 37.06 21.89 -25.85
C LEU A 859 37.86 20.84 -26.61
N PRO A 860 38.97 20.37 -26.02
CA PRO A 860 39.85 19.37 -26.61
C PRO A 860 39.26 18.31 -27.57
N GLY A 861 38.81 17.19 -27.02
CA GLY A 861 38.27 16.12 -27.86
C GLY A 861 37.11 16.48 -28.77
N THR A 862 36.76 17.75 -28.80
CA THR A 862 35.64 18.23 -29.61
C THR A 862 35.87 18.23 -31.13
N ASN A 863 37.04 18.69 -31.56
CA ASN A 863 37.38 18.75 -32.97
C ASN A 863 36.54 19.80 -33.70
N ILE A 864 36.17 20.89 -33.01
CA ILE A 864 35.39 21.94 -33.66
C ILE A 864 35.85 23.32 -33.21
N ASN A 865 35.49 24.33 -33.99
CA ASN A 865 35.77 25.71 -33.65
C ASN A 865 34.44 26.41 -33.54
N LEU A 866 34.42 27.55 -32.86
CA LEU A 866 33.20 28.32 -32.71
C LEU A 866 33.44 29.60 -33.51
N GLU A 867 32.35 30.14 -34.05
CA GLU A 867 32.41 31.35 -34.86
C GLU A 867 33.12 32.54 -34.20
N HIS A 868 32.97 32.67 -32.89
CA HIS A 868 33.62 33.75 -32.15
C HIS A 868 34.13 33.24 -30.81
N ALA A 869 34.87 34.08 -30.10
CA ALA A 869 35.44 33.71 -28.80
C ALA A 869 34.36 33.47 -27.75
N TRP A 870 34.66 32.61 -26.79
CA TRP A 870 33.74 32.32 -25.70
C TRP A 870 34.45 32.50 -24.35
N ASP A 871 33.73 33.00 -23.36
CA ASP A 871 34.26 33.22 -22.02
C ASP A 871 34.14 31.97 -21.14
N SER A 872 33.07 31.21 -21.35
CA SER A 872 32.87 29.99 -20.58
C SER A 872 32.02 29.03 -21.37
N VAL A 873 32.11 27.75 -21.01
CA VAL A 873 31.31 26.74 -21.68
C VAL A 873 30.63 25.89 -20.64
N ILE A 874 29.36 25.57 -20.90
CA ILE A 874 28.58 24.74 -20.00
C ILE A 874 28.63 23.31 -20.52
N VAL A 875 29.15 22.42 -19.71
CA VAL A 875 29.26 21.02 -20.08
C VAL A 875 28.18 20.23 -19.37
N THR A 876 27.29 19.62 -20.14
CA THR A 876 26.22 18.82 -19.55
C THR A 876 26.59 17.37 -19.76
N ASP A 877 27.23 16.81 -18.75
CA ASP A 877 27.68 15.43 -18.75
C ASP A 877 27.48 14.87 -17.35
N GLY A 878 26.50 14.01 -17.18
CA GLY A 878 26.25 13.43 -15.87
C GLY A 878 27.06 12.16 -15.76
N ARG A 879 28.35 12.27 -16.07
CA ARG A 879 29.24 11.12 -16.04
C ARG A 879 30.64 11.54 -15.63
N PHE A 880 31.19 10.87 -14.63
CA PHE A 880 32.54 11.15 -14.15
C PHE A 880 32.70 12.53 -13.52
N ASP A 881 31.59 13.11 -13.06
CA ASP A 881 31.63 14.43 -12.45
C ASP A 881 32.28 15.42 -13.43
N GLY A 882 32.01 15.24 -14.72
CA GLY A 882 32.59 16.10 -15.72
C GLY A 882 31.68 17.23 -16.20
N ALA A 883 30.71 17.60 -15.36
CA ALA A 883 29.78 18.67 -15.71
C ALA A 883 30.09 19.96 -14.95
N GLY A 884 29.65 21.08 -15.53
CA GLY A 884 29.89 22.37 -14.92
C GLY A 884 30.24 23.42 -15.95
N VAL A 885 30.56 24.62 -15.48
CA VAL A 885 30.94 25.71 -16.37
C VAL A 885 32.47 25.78 -16.36
N TYR A 886 33.07 25.74 -17.54
CA TYR A 886 34.52 25.76 -17.67
C TYR A 886 35.08 26.96 -18.43
N ALA A 887 36.19 27.49 -17.94
CA ALA A 887 36.86 28.60 -18.57
C ALA A 887 37.61 28.02 -19.77
N PRO A 888 38.03 28.85 -20.72
CA PRO A 888 38.75 28.30 -21.87
C PRO A 888 40.02 27.50 -21.59
N ASP A 889 40.62 27.67 -20.42
CA ASP A 889 41.84 26.93 -20.11
C ASP A 889 41.57 25.56 -19.47
N GLY A 890 40.30 25.16 -19.40
CA GLY A 890 39.97 23.87 -18.83
C GLY A 890 39.60 23.89 -17.35
N THR A 891 39.80 25.04 -16.73
CA THR A 891 39.47 25.20 -15.31
C THR A 891 37.97 25.21 -15.12
N ARG A 892 37.48 24.38 -14.19
CA ARG A 892 36.05 24.37 -13.92
C ARG A 892 35.79 25.48 -12.91
N THR A 893 35.15 26.55 -13.36
CA THR A 893 34.87 27.68 -12.49
C THR A 893 33.66 27.45 -11.59
N SER A 894 32.87 26.42 -11.89
CA SER A 894 31.69 26.12 -11.07
C SER A 894 31.04 24.78 -11.37
N ALA A 895 30.37 24.24 -10.35
CA ALA A 895 29.68 22.98 -10.48
C ALA A 895 28.27 23.28 -10.96
N VAL A 896 27.61 22.26 -11.50
CA VAL A 896 26.24 22.40 -11.99
C VAL A 896 25.45 21.16 -11.61
N SER A 897 24.13 21.27 -11.63
CA SER A 897 23.27 20.14 -11.30
C SER A 897 22.52 19.72 -12.54
N LEU A 898 22.44 18.42 -12.79
CA LEU A 898 21.74 17.91 -13.95
C LEU A 898 20.49 17.17 -13.51
N LEU A 899 19.36 17.49 -14.13
CA LEU A 899 18.09 16.84 -13.82
C LEU A 899 17.49 16.34 -15.12
N ALA A 900 16.96 15.13 -15.10
CA ALA A 900 16.36 14.56 -16.29
C ALA A 900 14.84 14.56 -16.17
N VAL A 901 14.18 14.99 -17.24
CA VAL A 901 12.73 15.05 -17.31
C VAL A 901 12.34 14.30 -18.57
N PRO A 902 12.39 12.95 -18.51
CA PRO A 902 12.06 12.07 -19.63
C PRO A 902 10.66 12.28 -20.19
N GLU A 903 9.72 12.58 -19.31
CA GLU A 903 8.35 12.81 -19.74
C GLU A 903 8.35 13.89 -20.83
N ALA A 904 9.25 14.85 -20.69
CA ALA A 904 9.37 15.95 -21.65
C ALA A 904 10.59 15.80 -22.56
N ARG A 905 11.35 14.74 -22.35
CA ARG A 905 12.56 14.48 -23.14
C ARG A 905 13.56 15.61 -22.94
N GLN A 906 13.52 16.21 -21.75
CA GLN A 906 14.40 17.33 -21.42
C GLN A 906 15.57 16.93 -20.52
N ILE A 907 16.65 17.67 -20.66
CA ILE A 907 17.83 17.47 -19.83
C ILE A 907 18.13 18.85 -19.26
N VAL A 908 17.88 19.00 -17.97
CA VAL A 908 18.07 20.27 -17.29
C VAL A 908 19.41 20.44 -16.59
N THR A 909 20.03 21.59 -16.82
CA THR A 909 21.31 21.91 -16.22
C THR A 909 21.16 23.19 -15.41
N ARG A 910 21.19 23.06 -14.08
CA ARG A 910 21.06 24.21 -13.22
C ARG A 910 22.42 24.85 -13.03
N VAL A 911 22.56 26.08 -13.51
CA VAL A 911 23.81 26.80 -13.42
C VAL A 911 23.64 28.03 -12.55
N PRO A 912 24.37 28.08 -11.42
CA PRO A 912 24.24 29.26 -10.55
C PRO A 912 24.66 30.50 -11.33
N LYS A 913 23.87 31.56 -11.23
CA LYS A 913 24.16 32.78 -11.97
C LYS A 913 25.60 33.25 -11.82
N ALA A 914 26.13 33.18 -10.61
CA ALA A 914 27.50 33.61 -10.34
C ALA A 914 28.50 32.89 -11.22
N ALA A 915 28.17 31.67 -11.66
CA ALA A 915 29.04 30.88 -12.51
C ALA A 915 29.36 31.59 -13.83
N LEU A 916 28.44 32.43 -14.28
CA LEU A 916 28.63 33.17 -15.53
C LEU A 916 29.05 34.59 -15.19
N GLY A 917 30.19 34.71 -14.52
CA GLY A 917 30.73 36.00 -14.10
C GLY A 917 30.20 37.23 -14.81
N GLY A 918 28.97 37.63 -14.48
CA GLY A 918 28.39 38.80 -15.11
C GLY A 918 28.14 38.71 -16.60
N LEU A 919 28.00 37.48 -17.12
CA LEU A 919 27.72 37.29 -18.54
C LEU A 919 26.25 36.87 -18.66
N ASP A 920 25.40 37.85 -18.94
CA ASP A 920 23.97 37.62 -19.05
C ASP A 920 23.60 36.83 -20.31
N PRO A 921 22.97 35.66 -20.14
CA PRO A 921 22.58 34.84 -21.29
C PRO A 921 21.51 35.50 -22.16
N ALA A 922 20.86 36.52 -21.60
CA ALA A 922 19.83 37.25 -22.34
C ALA A 922 20.40 38.01 -23.54
N THR A 923 21.66 38.41 -23.46
CA THR A 923 22.30 39.15 -24.55
C THR A 923 23.62 38.56 -24.97
N ALA A 924 23.85 37.31 -24.61
CA ALA A 924 25.08 36.63 -24.96
C ALA A 924 24.92 35.82 -26.24
N ARG A 925 26.05 35.51 -26.86
CA ARG A 925 26.07 34.71 -28.06
C ARG A 925 26.49 33.32 -27.60
N MET A 926 25.98 32.29 -28.26
CA MET A 926 26.33 30.95 -27.85
C MET A 926 26.29 29.92 -28.95
N SER A 927 27.14 28.92 -28.81
CA SER A 927 27.21 27.81 -29.75
C SER A 927 26.80 26.57 -29.00
N VAL A 928 26.01 25.72 -29.63
CA VAL A 928 25.54 24.49 -28.99
C VAL A 928 25.90 23.27 -29.84
N ALA A 929 26.54 22.29 -29.20
CA ALA A 929 26.95 21.08 -29.89
C ALA A 929 26.69 19.86 -29.01
N MET A 930 26.25 18.78 -29.65
CA MET A 930 25.97 17.54 -28.94
C MET A 930 27.01 16.48 -29.30
N PHE A 931 27.72 15.99 -28.30
CA PHE A 931 28.70 14.94 -28.51
C PHE A 931 28.28 13.78 -27.63
N GLY A 932 29.00 12.67 -27.74
CA GLY A 932 28.70 11.52 -26.93
C GLY A 932 29.77 11.46 -25.85
N ASN A 933 29.38 11.28 -24.60
CA ASN A 933 30.34 11.20 -23.51
C ASN A 933 31.20 9.95 -23.65
N ALA A 934 32.41 10.00 -23.12
CA ALA A 934 33.30 8.85 -23.19
C ALA A 934 34.33 8.90 -22.07
N GLU A 935 34.99 7.77 -21.83
CA GLU A 935 36.01 7.69 -20.78
C GLU A 935 37.29 8.31 -21.33
N SER A 936 38.10 8.87 -20.45
CA SER A 936 39.35 9.50 -20.86
C SER A 936 40.16 8.58 -21.78
N GLY A 937 40.30 7.31 -21.39
CA GLY A 937 41.05 6.37 -22.19
C GLY A 937 40.42 6.08 -23.55
N GLU A 938 39.22 6.59 -23.77
CA GLU A 938 38.51 6.37 -25.03
C GLU A 938 38.64 7.57 -25.98
N GLY A 939 39.15 8.68 -25.44
CA GLY A 939 39.32 9.88 -26.24
C GLY A 939 39.52 11.10 -25.36
N ILE A 940 40.23 12.09 -25.87
CA ILE A 940 40.50 13.32 -25.12
C ILE A 940 39.26 14.11 -24.70
N GLY A 941 39.28 14.62 -23.48
CA GLY A 941 38.17 15.42 -22.97
C GLY A 941 36.84 14.74 -22.77
N ASN A 942 36.83 13.41 -22.69
CA ASN A 942 35.60 12.64 -22.49
C ASN A 942 34.64 12.74 -23.66
N VAL A 943 35.17 12.70 -24.87
CA VAL A 943 34.35 12.78 -26.08
C VAL A 943 34.54 11.52 -26.92
N ARG A 944 33.45 10.82 -27.21
CA ARG A 944 33.50 9.61 -28.03
C ARG A 944 33.73 10.00 -29.49
N PRO A 945 34.92 9.67 -30.03
CA PRO A 945 35.31 9.97 -31.41
C PRO A 945 34.53 9.29 -32.53
N VAL A 946 34.63 9.88 -33.71
CA VAL A 946 33.97 9.37 -34.92
C VAL A 946 35.08 8.88 -35.83
N TYR A 947 34.84 7.76 -36.52
CA TYR A 947 35.85 7.20 -37.42
C TYR A 947 35.32 6.99 -38.83
N ASP A 948 36.23 6.64 -39.75
CA ASP A 948 35.90 6.40 -41.15
C ASP A 948 34.64 5.55 -41.30
N GLY A 949 33.80 5.90 -42.27
CA GLY A 949 32.57 5.17 -42.50
C GLY A 949 32.79 3.72 -42.88
N ALA A 950 33.55 3.49 -43.95
CA ALA A 950 33.83 2.13 -44.41
C ALA A 950 34.54 1.34 -43.32
N TYR A 951 35.50 1.96 -42.67
CA TYR A 951 36.26 1.33 -41.59
C TYR A 951 35.31 0.88 -40.50
N TRP A 952 34.34 1.75 -40.17
CA TRP A 952 33.35 1.47 -39.15
C TRP A 952 32.42 0.35 -39.60
N GLU A 953 31.95 0.46 -40.84
CA GLU A 953 31.04 -0.53 -41.43
C GLU A 953 31.61 -1.94 -41.37
N ALA A 954 32.93 -2.07 -41.53
CA ALA A 954 33.59 -3.37 -41.51
C ALA A 954 33.42 -4.06 -40.16
N GLY A 955 33.57 -3.30 -39.08
CA GLY A 955 33.42 -3.88 -37.76
C GLY A 955 34.65 -4.66 -37.31
N ASP A 956 35.82 -4.13 -37.63
CA ASP A 956 37.08 -4.77 -37.25
C ASP A 956 38.01 -3.77 -36.56
N PRO A 957 38.13 -3.88 -35.22
CA PRO A 957 37.47 -4.85 -34.34
C PRO A 957 35.97 -4.64 -34.20
N ALA A 958 35.36 -5.39 -33.28
CA ALA A 958 33.92 -5.33 -33.04
C ALA A 958 33.44 -4.13 -32.23
N TRP A 959 34.26 -3.65 -31.30
CA TRP A 959 33.87 -2.52 -30.47
C TRP A 959 33.76 -1.19 -31.20
N ILE A 960 34.40 -1.08 -32.37
CA ILE A 960 34.34 0.16 -33.14
C ILE A 960 32.93 0.40 -33.66
N LYS A 961 32.35 -0.61 -34.31
CA LYS A 961 31.01 -0.50 -34.85
C LYS A 961 29.96 -0.75 -33.76
N GLU A 962 30.41 -1.00 -32.54
CA GLU A 962 29.48 -1.27 -31.45
C GLU A 962 29.48 -0.20 -30.37
N TRP A 963 30.59 0.51 -30.20
CA TRP A 963 30.66 1.55 -29.18
C TRP A 963 31.28 2.85 -29.65
N ARG A 964 31.35 3.06 -30.96
CA ARG A 964 31.94 4.29 -31.49
C ARG A 964 31.14 4.79 -32.68
N PHE A 965 31.27 6.07 -32.97
CA PHE A 965 30.56 6.68 -34.09
C PHE A 965 31.26 6.38 -35.40
N GLY A 966 30.50 6.37 -36.49
CA GLY A 966 31.08 6.09 -37.79
C GLY A 966 30.57 7.05 -38.85
N GLY A 967 31.30 7.13 -39.97
CA GLY A 967 30.89 8.01 -41.05
C GLY A 967 31.73 9.27 -41.13
N GLY A 968 32.74 9.34 -40.27
CA GLY A 968 33.62 10.50 -40.26
C GLY A 968 34.91 10.22 -41.00
N ALA A 969 36.00 10.09 -40.26
CA ALA A 969 37.30 9.81 -40.84
C ALA A 969 38.31 9.38 -39.79
N GLY A 970 39.14 8.40 -40.15
CA GLY A 970 40.15 7.91 -39.22
C GLY A 970 39.88 6.52 -38.68
N VAL A 971 40.88 5.99 -37.98
CA VAL A 971 40.79 4.67 -37.36
C VAL A 971 41.33 4.78 -35.94
N PHE A 972 41.17 3.72 -35.16
CA PHE A 972 41.64 3.73 -33.77
C PHE A 972 43.16 3.66 -33.63
N ASP A 973 43.69 4.44 -32.69
CA ASP A 973 45.11 4.48 -32.42
C ASP A 973 45.31 4.66 -30.92
N GLY A 974 45.66 3.57 -30.25
CA GLY A 974 45.85 3.61 -28.81
C GLY A 974 47.13 4.27 -28.30
N THR A 975 47.91 4.86 -29.19
CA THR A 975 49.15 5.51 -28.79
C THR A 975 48.98 6.98 -28.42
N ILE A 976 48.04 7.67 -29.05
CA ILE A 976 47.82 9.08 -28.75
C ILE A 976 46.51 9.26 -27.99
N PRO A 977 46.40 10.34 -27.20
CA PRO A 977 45.20 10.64 -26.40
C PRO A 977 43.90 10.77 -27.21
N SER A 978 44.00 11.19 -28.46
CA SER A 978 42.82 11.34 -29.31
C SER A 978 42.22 9.98 -29.67
N ARG A 979 43.07 8.95 -29.65
CA ARG A 979 42.64 7.59 -29.99
C ARG A 979 42.09 7.53 -31.41
N ASP A 980 42.16 8.67 -32.10
CA ASP A 980 41.69 8.80 -33.47
C ASP A 980 42.91 9.18 -34.32
N THR A 981 43.07 8.54 -35.47
CA THR A 981 44.20 8.83 -36.35
C THR A 981 43.87 10.04 -37.23
N ASP A 982 42.65 10.57 -37.08
CA ASP A 982 42.21 11.71 -37.86
C ASP A 982 41.17 12.52 -37.07
N THR A 983 41.60 13.66 -36.52
CA THR A 983 40.71 14.52 -35.75
C THR A 983 40.19 15.71 -36.55
N ASP A 984 40.18 15.58 -37.88
CA ASP A 984 39.70 16.65 -38.74
C ASP A 984 38.17 16.69 -38.73
N ASP A 985 37.56 15.52 -38.65
CA ASP A 985 36.12 15.42 -38.64
C ASP A 985 35.61 15.79 -37.24
N PRO A 986 34.55 16.60 -37.16
CA PRO A 986 34.01 17.00 -35.86
C PRO A 986 33.29 15.84 -35.18
N ASN A 987 33.47 15.73 -33.87
CA ASN A 987 32.82 14.65 -33.12
C ASN A 987 31.41 15.02 -32.71
N ALA A 988 30.92 16.14 -33.22
CA ALA A 988 29.57 16.58 -32.90
C ALA A 988 28.55 15.88 -33.79
N LEU A 989 27.57 15.22 -33.19
CA LEU A 989 26.55 14.54 -33.97
C LEU A 989 25.52 15.50 -34.49
N ASP A 990 25.58 16.74 -33.99
CA ASP A 990 24.69 17.80 -34.44
C ASP A 990 24.85 19.07 -33.61
N VAL A 991 24.60 20.19 -34.24
CA VAL A 991 24.73 21.49 -33.58
C VAL A 991 23.60 22.40 -34.03
N LEU A 992 23.55 23.59 -33.47
CA LEU A 992 22.52 24.54 -33.86
C LEU A 992 23.13 25.56 -34.80
N VAL A 993 22.35 25.95 -35.80
CA VAL A 993 22.80 26.93 -36.77
C VAL A 993 21.73 28.01 -36.88
N GLY A 994 22.09 29.12 -37.50
CA GLY A 994 21.15 30.23 -37.65
C GLY A 994 20.58 30.30 -39.04
N GLU A 995 19.81 31.35 -39.32
CA GLU A 995 19.21 31.51 -40.64
C GLU A 995 20.27 31.56 -41.73
N GLY A 996 19.86 31.24 -42.95
CA GLY A 996 20.77 31.28 -44.08
C GLY A 996 21.88 30.24 -44.09
N GLN A 997 22.09 29.55 -42.97
CA GLN A 997 23.13 28.53 -42.94
C GLN A 997 22.54 27.16 -42.70
N THR A 998 23.32 26.12 -42.93
CA THR A 998 22.84 24.75 -42.77
C THR A 998 23.86 23.84 -42.07
N GLN A 999 23.37 22.84 -41.35
CA GLN A 999 24.26 21.93 -40.64
C GLN A 999 25.18 21.16 -41.57
N ALA A 1000 24.71 20.89 -42.79
CA ALA A 1000 25.50 20.14 -43.77
C ALA A 1000 26.73 20.95 -44.22
N ALA A 1001 26.59 22.27 -44.25
CA ALA A 1001 27.69 23.14 -44.65
C ALA A 1001 28.60 23.46 -43.47
N VAL A 1002 28.01 23.76 -42.32
CA VAL A 1002 28.78 24.10 -41.13
C VAL A 1002 29.65 22.93 -40.65
N LEU A 1003 29.17 21.71 -40.81
CA LEU A 1003 29.93 20.53 -40.38
C LEU A 1003 30.71 19.87 -41.51
N ASP A 1004 30.68 20.47 -42.69
CA ASP A 1004 31.40 19.95 -43.85
C ASP A 1004 32.90 20.14 -43.62
N TRP A 1005 33.53 19.17 -42.97
CA TRP A 1005 34.96 19.26 -42.67
C TRP A 1005 35.86 19.08 -43.89
N ARG A 1006 35.32 18.49 -44.96
CA ARG A 1006 36.12 18.29 -46.17
C ARG A 1006 36.37 19.63 -46.85
N ALA A 1007 35.48 20.59 -46.62
CA ALA A 1007 35.60 21.92 -47.20
C ALA A 1007 36.21 22.89 -46.20
N GLY A 1008 36.78 22.36 -45.13
CA GLY A 1008 37.38 23.20 -44.12
C GLY A 1008 37.45 22.50 -42.78
N SER A 1009 38.58 22.62 -42.10
CA SER A 1009 38.74 21.98 -40.81
C SER A 1009 39.73 22.71 -39.90
N PRO A 1010 39.41 22.81 -38.61
CA PRO A 1010 38.17 22.27 -38.05
C PRO A 1010 36.97 23.13 -38.45
N VAL A 1011 35.79 22.52 -38.46
CA VAL A 1011 34.57 23.23 -38.83
C VAL A 1011 34.32 24.39 -37.85
N VAL A 1012 33.61 25.42 -38.31
CA VAL A 1012 33.32 26.56 -37.45
C VAL A 1012 31.82 26.58 -37.13
N VAL A 1013 31.48 26.35 -35.87
CA VAL A 1013 30.08 26.34 -35.45
C VAL A 1013 29.61 27.74 -35.16
N PRO A 1014 28.50 28.16 -35.80
CA PRO A 1014 27.96 29.49 -35.61
C PRO A 1014 27.60 29.84 -34.17
N MET A 1015 27.83 31.10 -33.83
CA MET A 1015 27.56 31.65 -32.50
C MET A 1015 26.20 32.35 -32.66
N LEU A 1016 25.19 31.82 -31.97
CA LEU A 1016 23.83 32.37 -32.07
C LEU A 1016 23.36 33.12 -30.84
N GLY A 1017 22.19 33.75 -30.96
CA GLY A 1017 21.61 34.48 -29.85
C GLY A 1017 20.25 33.91 -29.49
N LEU A 1018 19.90 33.98 -28.21
CA LEU A 1018 18.60 33.47 -27.74
C LEU A 1018 17.46 34.39 -28.20
N GLN A 1019 16.46 33.82 -28.85
CA GLN A 1019 15.33 34.61 -29.30
C GLN A 1019 14.27 34.58 -28.21
N PRO A 1020 13.77 35.76 -27.80
CA PRO A 1020 12.75 35.87 -26.75
C PRO A 1020 11.42 35.18 -27.10
C1 GLC B . 4.56 -8.04 -0.57
C2 GLC B . 4.28 -9.38 0.17
C3 GLC B . 2.92 -9.95 -0.36
C4 GLC B . 1.78 -8.90 -0.03
C5 GLC B . 2.12 -7.61 -0.77
C6 GLC B . 1.08 -6.52 -0.47
O2 GLC B . 5.36 -10.26 -0.06
O3 GLC B . 2.67 -11.16 0.31
O4 GLC B . 0.44 -9.32 -0.50
O5 GLC B . 3.45 -7.12 -0.34
O6 GLC B . 1.48 -5.30 -1.04
C1 AC1 B . -0.23 -10.48 -0.05
O2 AC1 B . -1.29 -10.80 -2.20
C2 AC1 B . -1.57 -10.69 -0.81
C4A AC1 B . -6.57 -6.43 3.18
C3 AC1 B . -2.58 -9.54 -0.48
O3 AC1 B . -3.78 -9.78 -1.20
C4 AC1 B . -2.85 -9.53 1.04
N4A AC1 B . -3.84 -8.47 1.40
C5 AC1 B . -1.45 -9.26 1.77
O5 AC1 B . -0.47 -10.34 1.39
C6 AC1 B . -1.56 -9.26 3.29
C1B AC1 B . -5.13 -8.93 2.06
C2B AC1 B . -6.41 -8.32 1.39
O2B AC1 B . -6.38 -8.66 0.01
C3B AC1 B . -6.52 -6.80 1.63
O3B AC1 B . -7.69 -6.27 1.03
O4 AC1 B . -6.12 -5.08 3.25
C5B AC1 B . -5.75 -7.42 4.09
C7B AC1 B . -5.09 -8.55 3.56
C6B AC1 B . -5.68 -7.16 5.59
O6B AC1 B . -6.89 -7.64 6.20
CA CA C . 10.49 -11.63 23.14
CA CA D . -3.69 15.11 8.72
CA CA E . 8.92 -18.80 24.22
CA CA F . 37.77 11.10 -36.82
CA CA G . 18.53 18.21 -34.15
CA CA H . 21.21 20.68 -35.97
#